data_1QVI
#
_entry.id   1QVI
#
_cell.length_a   51.375
_cell.length_b   285.623
_cell.length_c   59.831
_cell.angle_alpha   90.00
_cell.angle_beta   114.50
_cell.angle_gamma   90.00
#
_symmetry.space_group_name_H-M   'P 1 21 1'
#
loop_
_entity.id
_entity.type
_entity.pdbx_description
1 polymer 'Myosin heavy chain, striated muscle'
2 polymer 'Myosin regulatory light chain, striated adductor muscle'
3 polymer 'Myosin essential light chain, striated adductor muscle'
4 non-polymer 'MAGNESIUM ION'
5 non-polymer 'VANADATE ION'
6 non-polymer "ADENOSINE-5'-DIPHOSPHATE"
7 non-polymer 'CALCIUM ION'
8 water water
#
loop_
_entity_poly.entity_id
_entity_poly.type
_entity_poly.pdbx_seq_one_letter_code
_entity_poly.pdbx_strand_id
1 'polypeptide(L)'
;MNIDFSDPDFQYLAVDRKKLMKEQTAAFDGKKNCWVPDEKEGFASAEIQSSKGDEITVKIVADSSTRTVKKDDIQSMNPP
KFEKLEDMANMTYLNEASVLYNLRSRYTSGLIYTYSGLFCIAVNPYRRLPIYTDSVIAKYRGKRKTEIPPHLFSVADNAY
QNMVTDRENQSCLITGESGAGKTENTKKVIMYLAKVACAVKKKDEEASDKKEGSLEDQIIQANPVLEAYGNAKTTRNNNS
SRFGKFIRIHFGPTGKIAGADIETYLLEKSRVTYQQSAERNYHIFYQICSNAIPELNDVMLVTPDSGLYSFINQGCLTVD
NIDDVEEFKLCDEAFDILGFTKEEKQSMFKCTASILHMGEMKFKQRPREEQAESDGTAEAEKVAFLCGINAGDLLKALLK
PKVKVGTEMVTKGQNMNQVVNSVGALAKSLYDRMFNWLVRRVNKTLDTKAKRNYYIGVLDIAGFEIFDFNSFEQLCINYT
NERLQQFFNHHMFILEQEEYKKEGIAWEFIDFGMDLQMCIDLIEKPMGILSILEEECMFPKADDKSFQDKLYQNHMGKNR
MFTKPGKPTRPNQGPAHFELHHYAGNVPYSITGWLEKNKDPINENVVALLGASKEPLVAELFKAPEEPAGGGKKKKGKSS
AFQTISAVHRESLNKLMKNLYSTHPHFVRCIIPNELKQPGLVDAELVLHQLQCNGVLEGIRICRKGFPSRLIYSEFKQRY
SILAPNAIPQGFVDGKTVSEKILAGLQMDPAEYRLGTTKVFFKAGVLGNLEEMRDERLSKIISMFQAHIRGYLIRKAYKK
LQDQRIGLSVIQRNIRKWLVLRNWQWWKLYSKVKPLLSIA
;
A
2 'polypeptide(L)'
;ADKAASGVLTKLPQKQIQEMKEAFSMIDVDRDGFVSKEDIKAISEQLGRAPDDKELTAMLKEAPGPLNFTMFLSIFSDKL
SGTDSEETIRNAFAMFDEQETKKLNIEYIKDLLENMGDNFNKDEMRMTFKEAPVEGGKFDYVKFTAMIKGSGEEEA
;
Y
3 'polypeptide(L)'
;PKLSQDEIDDLKDVFELFDFWDGRDGAVDAFKLGDVCRCLGINPRNEDVFAVGGTHKMGEKSLPFEEFLPAYEGLMDCEQ
GTFADYMEAFKTFDREGQGFISGAELRHVLTALGERLSDEDVDEIIKLTDLQEDLEGNVKYEDFVKKVMAGPYPDK
;
Z
#
loop_
_chem_comp.id
_chem_comp.type
_chem_comp.name
_chem_comp.formula
ADP non-polymer ADENOSINE-5'-DIPHOSPHATE 'C10 H15 N5 O10 P2'
CA non-polymer 'CALCIUM ION' 'Ca 2'
MG non-polymer 'MAGNESIUM ION' 'Mg 2'
VO4 non-polymer 'VANADATE ION' 'O4 V -3'
#
# COMPACT_ATOMS: atom_id res chain seq x y z
N SER A 6 -8.37 2.18 9.97
CA SER A 6 -9.07 3.37 9.40
C SER A 6 -8.17 4.60 9.39
N ASP A 7 -8.79 5.77 9.28
CA ASP A 7 -8.08 7.04 9.25
C ASP A 7 -6.96 7.18 10.27
N PRO A 8 -7.19 6.74 11.53
CA PRO A 8 -6.18 6.85 12.59
C PRO A 8 -4.72 6.59 12.21
N ASP A 9 -4.48 5.61 11.35
CA ASP A 9 -3.12 5.28 10.91
C ASP A 9 -2.53 6.32 9.97
N PHE A 10 -3.37 7.18 9.41
CA PHE A 10 -2.93 8.21 8.48
C PHE A 10 -2.69 9.53 9.20
N GLN A 11 -2.47 9.44 10.50
CA GLN A 11 -2.22 10.59 11.35
C GLN A 11 -1.13 11.48 10.78
N TYR A 12 0.09 10.94 10.69
CA TYR A 12 1.23 11.69 10.16
C TYR A 12 1.55 11.33 8.72
N LEU A 13 0.54 10.94 7.96
CA LEU A 13 0.76 10.58 6.57
C LEU A 13 -0.11 11.35 5.60
N ALA A 14 -1.39 11.50 5.94
CA ALA A 14 -2.29 12.20 5.05
C ALA A 14 -2.48 13.64 5.46
N VAL A 15 -3.08 14.41 4.56
CA VAL A 15 -3.37 15.80 4.80
C VAL A 15 -4.85 15.92 5.13
N ASP A 16 -5.16 16.42 6.32
CA ASP A 16 -6.54 16.56 6.76
C ASP A 16 -7.44 17.10 5.64
N ARG A 17 -6.99 18.18 5.01
CA ARG A 17 -7.73 18.82 3.90
C ARG A 17 -9.13 19.28 4.25
N LYS A 18 -9.54 19.00 5.49
CA LYS A 18 -10.86 19.43 5.96
C LYS A 18 -10.51 20.71 6.69
N LYS A 19 -9.51 20.61 7.56
CA LYS A 19 -8.99 21.74 8.33
C LYS A 19 -7.99 22.42 7.39
N LEU A 20 -7.56 21.67 6.38
CA LEU A 20 -6.64 22.17 5.39
C LEU A 20 -7.46 22.60 4.19
N MET A 21 -8.79 22.64 4.38
CA MET A 21 -9.71 23.07 3.33
C MET A 21 -9.89 24.57 3.54
N LYS A 22 -9.53 25.02 4.73
CA LYS A 22 -9.60 26.43 5.11
C LYS A 22 -8.22 27.02 4.82
N GLU A 23 -7.32 26.16 4.32
CA GLU A 23 -5.96 26.54 3.98
C GLU A 23 -5.77 26.61 2.47
N GLN A 24 -6.81 26.23 1.74
CA GLN A 24 -6.82 26.27 0.28
C GLN A 24 -7.91 27.25 -0.13
N THR A 25 -8.57 27.79 0.88
CA THR A 25 -9.66 28.76 0.70
C THR A 25 -9.18 30.10 1.23
N ALA A 26 -8.13 30.64 0.61
CA ALA A 26 -7.57 31.91 1.02
C ALA A 26 -7.67 32.92 -0.12
N ALA A 27 -7.39 34.18 0.19
CA ALA A 27 -7.42 35.25 -0.80
C ALA A 27 -6.08 35.30 -1.51
N PHE A 28 -6.03 34.70 -2.70
CA PHE A 28 -4.81 34.64 -3.47
C PHE A 28 -4.96 35.39 -4.81
N ASP A 29 -3.83 35.73 -5.42
CA ASP A 29 -3.82 36.44 -6.68
C ASP A 29 -2.41 36.36 -7.28
N GLY A 30 -2.24 35.44 -8.24
CA GLY A 30 -0.95 35.25 -8.88
C GLY A 30 -0.30 36.48 -9.46
N LYS A 31 -1.01 37.60 -9.46
CA LYS A 31 -0.47 38.85 -9.99
C LYS A 31 0.07 39.67 -8.82
N LYS A 32 -0.49 39.41 -7.64
CA LYS A 32 -0.12 40.10 -6.42
C LYS A 32 0.94 39.33 -5.62
N ASN A 33 0.53 38.18 -5.07
CA ASN A 33 1.42 37.34 -4.25
C ASN A 33 2.54 36.64 -5.03
N CYS A 34 3.73 36.58 -4.43
CA CYS A 34 4.87 35.95 -5.08
C CYS A 34 5.98 35.66 -4.09
N TRP A 35 7.02 34.97 -4.55
CA TRP A 35 8.15 34.65 -3.68
C TRP A 35 9.30 35.61 -3.98
N VAL A 36 9.96 36.07 -2.92
CA VAL A 36 11.08 37.00 -3.03
C VAL A 36 12.23 36.50 -2.16
N PRO A 37 13.47 36.51 -2.69
CA PRO A 37 14.64 36.07 -1.92
C PRO A 37 14.67 36.70 -0.54
N ASP A 38 15.21 35.99 0.44
CA ASP A 38 15.27 36.49 1.80
C ASP A 38 16.37 35.77 2.57
N GLU A 39 17.34 36.53 3.05
CA GLU A 39 18.48 36.00 3.80
C GLU A 39 18.06 34.92 4.81
N LYS A 40 17.16 35.29 5.72
CA LYS A 40 16.70 34.38 6.76
C LYS A 40 16.03 33.10 6.26
N GLU A 41 14.79 33.24 5.83
CA GLU A 41 13.97 32.11 5.37
C GLU A 41 14.18 31.62 3.94
N GLY A 42 15.23 32.08 3.26
CA GLY A 42 15.48 31.61 1.90
C GLY A 42 14.62 32.28 0.85
N PHE A 43 13.32 32.38 1.15
CA PHE A 43 12.35 33.03 0.29
C PHE A 43 11.24 33.51 1.20
N ALA A 44 10.75 34.71 0.95
CA ALA A 44 9.70 35.24 1.78
C ALA A 44 8.50 35.48 0.93
N SER A 45 7.32 35.21 1.48
CA SER A 45 6.10 35.42 0.74
C SER A 45 5.90 36.93 0.66
N ALA A 46 5.75 37.44 -0.55
CA ALA A 46 5.58 38.87 -0.71
C ALA A 46 4.34 39.18 -1.55
N GLU A 47 4.02 40.47 -1.59
CA GLU A 47 2.87 40.96 -2.34
C GLU A 47 3.28 42.18 -3.14
N ILE A 48 3.38 42.01 -4.46
CA ILE A 48 3.76 43.08 -5.37
C ILE A 48 2.98 44.36 -5.15
N GLN A 49 3.63 45.48 -5.42
CA GLN A 49 3.02 46.79 -5.26
C GLN A 49 3.46 47.76 -6.37
N SER A 50 4.51 48.52 -6.11
CA SER A 50 5.01 49.48 -7.11
C SER A 50 5.62 48.78 -8.33
N SER A 51 5.69 49.51 -9.44
CA SER A 51 6.24 48.99 -10.69
C SER A 51 7.26 49.97 -11.24
N LYS A 52 8.41 49.46 -11.67
CA LYS A 52 9.46 50.31 -12.22
C LYS A 52 10.36 49.57 -13.19
N GLY A 53 9.84 49.27 -14.39
CA GLY A 53 10.60 48.58 -15.40
C GLY A 53 11.06 47.19 -14.97
N ASP A 54 11.92 47.16 -13.96
CA ASP A 54 12.46 45.91 -13.42
C ASP A 54 12.57 46.08 -11.91
N GLU A 55 12.68 47.33 -11.46
CA GLU A 55 12.79 47.62 -10.04
C GLU A 55 11.38 47.49 -9.44
N ILE A 56 10.98 46.26 -9.15
CA ILE A 56 9.67 45.98 -8.56
C ILE A 56 9.70 46.11 -7.04
N THR A 57 8.71 46.80 -6.49
CA THR A 57 8.63 47.06 -5.05
C THR A 57 7.56 46.21 -4.35
N VAL A 58 7.99 45.25 -3.53
CA VAL A 58 7.07 44.37 -2.81
C VAL A 58 6.94 44.66 -1.33
N LYS A 59 6.06 43.91 -0.69
CA LYS A 59 5.79 44.00 0.73
C LYS A 59 5.84 42.58 1.29
N ILE A 60 6.82 42.31 2.14
CA ILE A 60 6.99 40.99 2.73
C ILE A 60 5.97 40.75 3.84
N VAL A 61 5.00 39.88 3.57
CA VAL A 61 3.95 39.57 4.53
C VAL A 61 4.48 39.15 5.89
N ALA A 62 5.57 38.40 5.89
CA ALA A 62 6.19 37.90 7.13
C ALA A 62 6.23 38.93 8.26
N ASP A 63 6.86 40.07 8.00
CA ASP A 63 6.99 41.13 8.99
C ASP A 63 6.38 42.45 8.54
N SER A 64 5.44 42.39 7.61
CA SER A 64 4.78 43.58 7.11
C SER A 64 5.79 44.68 6.77
N SER A 65 6.91 44.32 6.16
CA SER A 65 7.92 45.31 5.79
C SER A 65 7.94 45.51 4.27
N THR A 66 8.70 46.50 3.82
CA THR A 66 8.79 46.82 2.40
C THR A 66 10.20 46.51 1.90
N ARG A 67 10.30 46.20 0.63
CA ARG A 67 11.58 45.87 0.06
C ARG A 67 11.44 46.00 -1.44
N THR A 68 12.54 46.33 -2.10
CA THR A 68 12.52 46.49 -3.54
C THR A 68 13.43 45.41 -4.12
N VAL A 69 12.86 44.58 -4.98
CA VAL A 69 13.62 43.49 -5.57
C VAL A 69 13.67 43.62 -7.08
N LYS A 70 14.53 42.84 -7.71
CA LYS A 70 14.62 42.87 -9.16
C LYS A 70 13.52 42.00 -9.74
N LYS A 71 12.88 42.51 -10.81
CA LYS A 71 11.79 41.81 -11.47
C LYS A 71 12.25 40.41 -11.91
N ASP A 72 13.55 40.16 -11.83
CA ASP A 72 14.06 38.87 -12.24
C ASP A 72 14.37 37.96 -11.06
N ASP A 73 14.23 38.50 -9.85
CA ASP A 73 14.49 37.71 -8.66
C ASP A 73 13.19 37.14 -8.10
N ILE A 74 12.08 37.70 -8.59
CA ILE A 74 10.77 37.26 -8.17
C ILE A 74 10.47 35.87 -8.71
N GLN A 75 9.67 35.13 -7.94
CA GLN A 75 9.28 33.78 -8.32
C GLN A 75 7.80 33.56 -8.10
N SER A 76 7.17 32.91 -9.06
CA SER A 76 5.74 32.65 -9.00
C SER A 76 5.36 31.75 -7.85
N MET A 77 4.29 32.16 -7.18
CA MET A 77 3.76 31.43 -6.06
C MET A 77 2.56 30.57 -6.49
N ASN A 78 2.50 29.34 -6.00
CA ASN A 78 1.37 28.47 -6.37
C ASN A 78 0.13 28.88 -5.56
N PRO A 79 -1.08 28.64 -6.12
CA PRO A 79 -2.34 28.99 -5.43
C PRO A 79 -2.51 28.10 -4.21
N PRO A 80 -3.36 28.51 -3.26
CA PRO A 80 -3.62 27.75 -2.03
C PRO A 80 -4.02 26.31 -2.34
N LYS A 81 -4.64 26.13 -3.49
CA LYS A 81 -5.08 24.82 -3.96
C LYS A 81 -3.98 23.74 -3.84
N PHE A 82 -2.72 24.13 -3.94
CA PHE A 82 -1.64 23.15 -3.87
C PHE A 82 -0.94 23.02 -2.53
N GLU A 83 -1.54 23.50 -1.45
CA GLU A 83 -0.87 23.37 -0.16
C GLU A 83 -0.45 21.95 0.13
N LYS A 84 0.68 21.80 0.82
CA LYS A 84 1.20 20.49 1.21
C LYS A 84 0.91 19.44 0.13
N LEU A 85 1.17 19.80 -1.11
CA LEU A 85 0.94 18.92 -2.25
C LEU A 85 1.75 17.63 -2.10
N GLU A 86 1.12 16.50 -2.39
CA GLU A 86 1.80 15.22 -2.23
C GLU A 86 2.91 15.00 -3.26
N ASP A 87 2.67 15.34 -4.52
CA ASP A 87 3.71 15.15 -5.55
C ASP A 87 4.03 16.49 -6.18
N MET A 88 5.19 17.05 -5.84
CA MET A 88 5.61 18.36 -6.34
C MET A 88 5.63 18.58 -7.84
N ALA A 89 5.65 17.50 -8.62
CA ALA A 89 5.66 17.64 -10.06
C ALA A 89 4.30 18.11 -10.59
N ASN A 90 3.31 18.24 -9.71
CA ASN A 90 1.98 18.68 -10.14
C ASN A 90 1.73 20.15 -9.85
N MET A 91 2.68 20.81 -9.19
CA MET A 91 2.52 22.25 -8.91
C MET A 91 2.45 22.98 -10.24
N THR A 92 1.87 24.18 -10.28
CA THR A 92 1.80 24.94 -11.53
C THR A 92 3.14 25.62 -11.82
N TYR A 93 3.81 26.03 -10.75
CA TYR A 93 5.09 26.69 -10.88
C TYR A 93 6.18 25.91 -10.21
N LEU A 94 7.08 25.38 -11.02
CA LEU A 94 8.19 24.60 -10.51
C LEU A 94 9.40 25.51 -10.36
N ASN A 95 9.58 26.08 -9.18
CA ASN A 95 10.72 26.93 -8.91
C ASN A 95 11.26 26.62 -7.51
N GLU A 96 12.50 26.97 -7.25
CA GLU A 96 13.14 26.71 -5.96
C GLU A 96 12.31 27.15 -4.76
N ALA A 97 11.50 28.19 -4.92
CA ALA A 97 10.70 28.66 -3.81
C ALA A 97 9.50 27.77 -3.55
N SER A 98 8.84 27.35 -4.61
CA SER A 98 7.67 26.48 -4.53
C SER A 98 8.03 25.14 -3.92
N VAL A 99 9.15 24.58 -4.37
CA VAL A 99 9.60 23.30 -3.84
C VAL A 99 9.94 23.50 -2.38
N LEU A 100 10.62 24.59 -2.07
CA LEU A 100 10.99 24.84 -0.67
C LEU A 100 9.76 24.97 0.22
N TYR A 101 8.77 25.69 -0.25
CA TYR A 101 7.57 25.91 0.54
C TYR A 101 6.79 24.64 0.73
N ASN A 102 6.69 23.82 -0.31
CA ASN A 102 5.93 22.59 -0.19
C ASN A 102 6.54 21.67 0.87
N LEU A 103 7.86 21.42 0.80
CA LEU A 103 8.48 20.54 1.78
C LEU A 103 8.40 21.09 3.19
N ARG A 104 8.69 22.39 3.34
CA ARG A 104 8.65 23.07 4.63
C ARG A 104 7.24 22.96 5.23
N SER A 105 6.23 23.21 4.40
CA SER A 105 4.83 23.13 4.82
C SER A 105 4.50 21.73 5.35
N ARG A 106 4.88 20.73 4.58
CA ARG A 106 4.62 19.37 4.98
C ARG A 106 5.45 19.07 6.22
N TYR A 107 6.70 19.48 6.21
CA TYR A 107 7.57 19.19 7.35
C TYR A 107 6.96 19.66 8.66
N THR A 108 6.48 20.89 8.66
CA THR A 108 5.92 21.46 9.87
C THR A 108 4.61 20.79 10.28
N SER A 109 3.94 20.14 9.32
CA SER A 109 2.69 19.46 9.59
C SER A 109 2.94 18.07 10.20
N GLY A 110 4.13 17.53 9.95
CA GLY A 110 4.47 16.21 10.46
C GLY A 110 4.70 15.25 9.30
N LEU A 111 4.52 15.76 8.08
CA LEU A 111 4.68 14.97 6.88
C LEU A 111 6.13 15.01 6.41
N ILE A 112 6.86 13.92 6.64
CA ILE A 112 8.26 13.90 6.27
C ILE A 112 8.55 13.31 4.88
N TYR A 113 7.54 12.74 4.24
CA TYR A 113 7.73 12.16 2.90
C TYR A 113 6.96 12.93 1.85
N THR A 114 7.61 13.18 0.71
CA THR A 114 6.97 13.89 -0.39
C THR A 114 7.54 13.33 -1.68
N TYR A 115 6.71 13.17 -2.69
CA TYR A 115 7.23 12.67 -3.98
C TYR A 115 7.58 13.88 -4.81
N SER A 116 8.48 13.71 -5.77
CA SER A 116 8.86 14.78 -6.67
C SER A 116 9.20 14.10 -7.97
N GLY A 117 8.17 13.83 -8.77
CA GLY A 117 8.39 13.15 -10.03
C GLY A 117 8.76 11.70 -9.76
N LEU A 118 9.77 11.18 -10.46
CA LEU A 118 10.20 9.80 -10.29
C LEU A 118 10.84 9.39 -8.96
N PHE A 119 11.36 10.34 -8.20
CA PHE A 119 12.00 10.00 -6.94
C PHE A 119 11.23 10.51 -5.71
N CYS A 120 11.74 10.19 -4.53
CA CYS A 120 11.11 10.60 -3.29
C CYS A 120 12.03 11.48 -2.42
N ILE A 121 11.42 12.36 -1.63
CA ILE A 121 12.16 13.26 -0.77
C ILE A 121 11.82 12.94 0.68
N ALA A 122 12.85 12.79 1.51
CA ALA A 122 12.64 12.47 2.92
C ALA A 122 13.38 13.42 3.87
N VAL A 123 12.62 14.20 4.63
CA VAL A 123 13.18 15.14 5.57
C VAL A 123 13.28 14.50 6.95
N ASN A 124 14.47 14.51 7.53
CA ASN A 124 14.68 13.92 8.85
C ASN A 124 13.76 14.54 9.90
N PRO A 125 12.96 13.71 10.58
CA PRO A 125 12.03 14.20 11.61
C PRO A 125 12.67 14.51 12.95
N TYR A 126 13.70 13.75 13.28
CA TYR A 126 14.41 13.90 14.55
C TYR A 126 13.52 13.58 15.73
N ARG A 127 12.74 12.52 15.58
CA ARG A 127 11.84 12.04 16.61
C ARG A 127 11.06 10.89 16.01
N ARG A 128 10.58 10.00 16.86
CA ARG A 128 9.84 8.84 16.39
C ARG A 128 8.42 9.19 15.95
N LEU A 129 8.02 8.65 14.80
CA LEU A 129 6.70 8.88 14.25
C LEU A 129 5.99 7.53 14.18
N PRO A 130 4.69 7.51 14.50
CA PRO A 130 3.81 6.33 14.52
C PRO A 130 3.43 5.86 13.12
N ILE A 131 4.30 6.10 12.15
CA ILE A 131 3.97 5.75 10.81
C ILE A 131 4.65 4.51 10.28
N TYR A 132 5.37 3.79 11.14
CA TYR A 132 6.03 2.57 10.69
C TYR A 132 5.49 1.28 11.30
N THR A 133 4.33 1.35 11.95
CA THR A 133 3.73 0.17 12.60
C THR A 133 3.41 -0.92 11.60
N ASP A 134 2.80 -1.99 12.09
CA ASP A 134 2.43 -3.11 11.21
C ASP A 134 1.09 -2.80 10.54
N SER A 135 0.33 -1.91 11.15
CA SER A 135 -0.95 -1.53 10.58
C SER A 135 -0.73 -0.63 9.36
N VAL A 136 0.22 0.28 9.44
CA VAL A 136 0.49 1.15 8.31
C VAL A 136 1.00 0.23 7.19
N ILE A 137 1.91 -0.68 7.50
CA ILE A 137 2.44 -1.61 6.49
C ILE A 137 1.27 -2.33 5.79
N ALA A 138 0.26 -2.71 6.56
CA ALA A 138 -0.89 -3.41 6.00
C ALA A 138 -1.69 -2.60 4.98
N LYS A 139 -1.70 -1.27 5.14
CA LYS A 139 -2.44 -0.41 4.24
C LYS A 139 -1.67 0.01 2.99
N TYR A 140 -0.35 -0.18 3.01
CA TYR A 140 0.48 0.19 1.85
C TYR A 140 0.77 -0.94 0.89
N ARG A 141 0.55 -2.18 1.31
CA ARG A 141 0.83 -3.32 0.43
C ARG A 141 0.12 -3.23 -0.90
N GLY A 142 0.85 -3.54 -1.96
CA GLY A 142 0.28 -3.52 -3.29
C GLY A 142 -0.39 -2.24 -3.73
N LYS A 143 -0.13 -1.14 -3.03
CA LYS A 143 -0.72 0.14 -3.39
C LYS A 143 0.06 0.85 -4.50
N ARG A 144 -0.64 1.71 -5.24
CA ARG A 144 -0.02 2.48 -6.30
C ARG A 144 0.38 3.79 -5.61
N LYS A 145 1.46 4.40 -6.05
CA LYS A 145 1.90 5.63 -5.41
C LYS A 145 0.83 6.72 -5.37
N THR A 146 0.04 6.84 -6.42
CA THR A 146 -1.00 7.88 -6.51
C THR A 146 -2.25 7.55 -5.69
N GLU A 147 -2.35 6.30 -5.28
CA GLU A 147 -3.48 5.79 -4.53
C GLU A 147 -3.44 5.98 -3.01
N ILE A 148 -2.24 6.19 -2.45
CA ILE A 148 -2.08 6.34 -1.00
C ILE A 148 -0.96 7.35 -0.68
N PRO A 149 -1.09 8.10 0.43
CA PRO A 149 -0.09 9.10 0.82
C PRO A 149 1.37 8.73 0.60
N PRO A 150 2.22 9.73 0.37
CA PRO A 150 3.65 9.46 0.16
C PRO A 150 4.22 8.84 1.41
N HIS A 151 4.98 7.77 1.23
CA HIS A 151 5.58 7.07 2.34
C HIS A 151 6.71 6.24 1.76
N LEU A 152 7.79 6.10 2.53
CA LEU A 152 8.94 5.31 2.09
C LEU A 152 8.48 3.91 1.71
N PHE A 153 7.37 3.48 2.27
CA PHE A 153 6.84 2.15 2.03
C PHE A 153 6.37 1.94 0.60
N SER A 154 5.77 2.97 0.01
CA SER A 154 5.28 2.90 -1.36
C SER A 154 6.45 2.76 -2.31
N VAL A 155 7.60 3.29 -1.92
CA VAL A 155 8.78 3.22 -2.78
C VAL A 155 9.22 1.78 -2.76
N ALA A 156 9.28 1.20 -1.56
CA ALA A 156 9.70 -0.18 -1.43
C ALA A 156 8.74 -1.06 -2.20
N ASP A 157 7.44 -0.87 -1.98
CA ASP A 157 6.43 -1.67 -2.66
C ASP A 157 6.48 -1.54 -4.17
N ASN A 158 6.60 -0.29 -4.63
CA ASN A 158 6.66 -0.03 -6.05
C ASN A 158 7.87 -0.76 -6.63
N ALA A 159 8.93 -0.87 -5.84
CA ALA A 159 10.15 -1.57 -6.26
C ALA A 159 9.88 -3.05 -6.43
N TYR A 160 9.12 -3.62 -5.48
CA TYR A 160 8.75 -5.02 -5.50
C TYR A 160 7.84 -5.28 -6.68
N GLN A 161 6.85 -4.42 -6.86
CA GLN A 161 5.91 -4.56 -7.98
C GLN A 161 6.63 -4.58 -9.34
N ASN A 162 7.57 -3.66 -9.55
CA ASN A 162 8.30 -3.59 -10.82
C ASN A 162 9.19 -4.81 -11.01
N MET A 163 9.72 -5.33 -9.91
CA MET A 163 10.57 -6.49 -10.00
C MET A 163 9.79 -7.72 -10.49
N VAL A 164 8.58 -7.94 -10.00
CA VAL A 164 7.84 -9.11 -10.46
C VAL A 164 7.27 -8.85 -11.84
N THR A 165 6.75 -7.64 -12.05
CA THR A 165 6.16 -7.26 -13.32
C THR A 165 7.16 -7.27 -14.47
N ASP A 166 8.24 -6.50 -14.35
CA ASP A 166 9.23 -6.43 -15.41
C ASP A 166 10.28 -7.53 -15.39
N ARG A 167 10.36 -8.27 -14.29
CA ARG A 167 11.34 -9.34 -14.17
C ARG A 167 12.75 -8.77 -14.28
N GLU A 168 13.04 -7.77 -13.47
CA GLU A 168 14.35 -7.10 -13.49
C GLU A 168 14.76 -6.69 -12.07
N ASN A 169 16.05 -6.72 -11.77
CA ASN A 169 16.48 -6.32 -10.45
C ASN A 169 16.29 -4.83 -10.18
N GLN A 170 15.96 -4.49 -8.94
CA GLN A 170 15.77 -3.11 -8.54
C GLN A 170 16.86 -2.71 -7.53
N SER A 171 16.99 -1.40 -7.30
CA SER A 171 17.95 -0.89 -6.35
C SER A 171 17.42 0.41 -5.78
N CYS A 172 17.40 0.51 -4.46
CA CYS A 172 16.94 1.72 -3.78
C CYS A 172 18.16 2.45 -3.33
N LEU A 173 18.43 3.60 -3.95
CA LEU A 173 19.58 4.39 -3.57
C LEU A 173 19.08 5.49 -2.64
N ILE A 174 19.61 5.52 -1.43
CA ILE A 174 19.19 6.53 -0.48
C ILE A 174 20.38 7.45 -0.30
N THR A 175 20.27 8.65 -0.85
CA THR A 175 21.35 9.63 -0.79
C THR A 175 21.09 10.68 0.29
N GLY A 176 22.14 11.45 0.63
CA GLY A 176 22.01 12.49 1.63
C GLY A 176 23.29 12.84 2.35
N GLU A 177 23.32 14.02 2.95
CA GLU A 177 24.50 14.44 3.70
C GLU A 177 24.47 13.65 4.99
N SER A 178 25.59 13.65 5.71
CA SER A 178 25.69 12.94 6.97
C SER A 178 24.55 13.32 7.89
N GLY A 179 23.87 12.31 8.43
CA GLY A 179 22.76 12.58 9.33
C GLY A 179 21.42 12.90 8.71
N ALA A 180 21.33 12.87 7.39
CA ALA A 180 20.06 13.18 6.75
C ALA A 180 19.01 12.07 6.98
N GLY A 181 19.47 10.89 7.39
CA GLY A 181 18.54 9.81 7.64
C GLY A 181 18.60 8.63 6.69
N LYS A 182 19.75 8.39 6.08
CA LYS A 182 19.90 7.27 5.16
C LYS A 182 19.69 5.93 5.86
N THR A 183 20.54 5.66 6.84
CA THR A 183 20.46 4.41 7.59
C THR A 183 19.07 4.13 8.14
N GLU A 184 18.45 5.13 8.76
CA GLU A 184 17.12 4.95 9.30
C GLU A 184 16.16 4.50 8.23
N ASN A 185 16.22 5.14 7.07
CA ASN A 185 15.32 4.77 5.97
C ASN A 185 15.68 3.40 5.38
N THR A 186 16.95 3.08 5.32
CA THR A 186 17.39 1.79 4.81
C THR A 186 16.73 0.71 5.67
N LYS A 187 16.79 0.88 6.99
CA LYS A 187 16.18 -0.08 7.91
C LYS A 187 14.70 -0.35 7.61
N LYS A 188 13.88 0.69 7.54
CA LYS A 188 12.45 0.53 7.27
C LYS A 188 12.13 -0.14 5.95
N VAL A 189 12.91 0.14 4.92
CA VAL A 189 12.70 -0.45 3.61
C VAL A 189 12.90 -1.97 3.67
N ILE A 190 13.93 -2.39 4.40
CA ILE A 190 14.24 -3.81 4.54
C ILE A 190 13.20 -4.47 5.42
N MET A 191 12.76 -3.75 6.45
CA MET A 191 11.77 -4.28 7.36
C MET A 191 10.48 -4.48 6.60
N TYR A 192 10.13 -3.51 5.75
CA TYR A 192 8.90 -3.59 4.97
C TYR A 192 8.91 -4.75 3.99
N LEU A 193 10.00 -4.92 3.26
CA LEU A 193 10.11 -6.02 2.31
C LEU A 193 10.09 -7.35 3.04
N ALA A 194 10.65 -7.36 4.25
CA ALA A 194 10.73 -8.57 5.06
C ALA A 194 9.36 -8.98 5.64
N LYS A 195 8.43 -8.05 5.69
CA LYS A 195 7.11 -8.34 6.22
C LYS A 195 6.01 -8.53 5.19
N VAL A 196 6.34 -8.40 3.91
CA VAL A 196 5.33 -8.57 2.85
C VAL A 196 5.81 -9.57 1.83
N ALA A 197 7.08 -9.95 1.94
CA ALA A 197 7.69 -10.90 1.01
C ALA A 197 8.24 -12.15 1.72
N CYS A 198 7.95 -12.31 3.00
CA CYS A 198 8.44 -13.48 3.72
C CYS A 198 7.72 -14.71 3.17
N ALA A 199 8.41 -15.85 3.21
CA ALA A 199 7.84 -17.11 2.71
C ALA A 199 7.31 -17.99 3.83
N VAL A 200 6.63 -19.06 3.43
CA VAL A 200 6.03 -20.01 4.38
C VAL A 200 6.91 -21.23 4.65
N LYS A 211 15.77 -20.35 19.55
CA LYS A 211 17.07 -19.70 19.56
C LYS A 211 17.24 -18.79 18.32
N GLU A 212 17.61 -19.42 17.20
CA GLU A 212 17.81 -18.72 15.92
C GLU A 212 16.45 -18.48 15.26
N GLY A 213 16.21 -17.26 14.80
CA GLY A 213 14.94 -16.93 14.17
C GLY A 213 14.86 -17.28 12.69
N SER A 214 13.74 -16.94 12.06
CA SER A 214 13.55 -17.20 10.63
C SER A 214 14.49 -16.30 9.84
N LEU A 215 14.44 -16.39 8.52
CA LEU A 215 15.33 -15.57 7.69
C LEU A 215 15.02 -14.09 7.87
N GLU A 216 13.75 -13.72 7.70
CA GLU A 216 13.34 -12.32 7.86
C GLU A 216 13.98 -11.78 9.13
N ASP A 217 13.57 -12.33 10.27
CA ASP A 217 14.09 -11.90 11.56
C ASP A 217 15.59 -11.66 11.55
N GLN A 218 16.33 -12.57 10.91
CA GLN A 218 17.78 -12.49 10.83
C GLN A 218 18.28 -11.31 10.02
N ILE A 219 17.56 -10.98 8.95
CA ILE A 219 17.92 -9.85 8.10
C ILE A 219 17.87 -8.59 8.97
N ILE A 220 16.84 -8.53 9.79
CA ILE A 220 16.62 -7.40 10.68
C ILE A 220 17.63 -7.33 11.84
N GLN A 221 18.00 -8.49 12.38
CA GLN A 221 18.95 -8.55 13.49
C GLN A 221 20.37 -8.34 13.01
N ALA A 222 20.57 -8.39 11.70
CA ALA A 222 21.89 -8.18 11.14
C ALA A 222 22.29 -6.74 11.35
N ASN A 223 21.31 -5.86 11.53
CA ASN A 223 21.58 -4.44 11.71
C ASN A 223 22.21 -4.06 13.07
N PRO A 224 21.59 -4.48 14.20
CA PRO A 224 22.14 -4.15 15.52
C PRO A 224 23.62 -4.50 15.74
N VAL A 225 24.11 -5.54 15.07
CA VAL A 225 25.50 -5.91 15.26
C VAL A 225 26.45 -5.11 14.37
N LEU A 226 26.17 -5.03 13.07
CA LEU A 226 27.06 -4.28 12.19
C LEU A 226 27.14 -2.83 12.64
N GLU A 227 26.04 -2.31 13.16
CA GLU A 227 26.06 -0.93 13.62
C GLU A 227 26.90 -0.78 14.88
N ALA A 228 26.84 -1.79 15.75
CA ALA A 228 27.61 -1.75 16.99
C ALA A 228 29.10 -1.65 16.64
N TYR A 229 29.51 -2.35 15.59
CA TYR A 229 30.91 -2.35 15.18
C TYR A 229 31.24 -1.33 14.11
N GLY A 230 30.23 -0.87 13.37
CA GLY A 230 30.45 0.09 12.31
C GLY A 230 29.96 1.51 12.50
N ASN A 231 29.31 1.80 13.61
CA ASN A 231 28.82 3.15 13.84
C ASN A 231 29.55 3.77 15.03
N ALA A 232 29.48 5.09 15.14
CA ALA A 232 30.16 5.82 16.21
C ALA A 232 29.70 7.27 16.20
N LYS A 233 29.53 7.87 17.39
CA LYS A 233 29.11 9.27 17.48
C LYS A 233 30.00 10.17 16.61
N THR A 234 29.39 11.23 16.09
CA THR A 234 30.05 12.19 15.24
C THR A 234 29.37 13.52 15.52
N THR A 235 30.05 14.61 15.18
CA THR A 235 29.48 15.93 15.41
C THR A 235 28.12 16.07 14.70
N ARG A 236 27.99 15.42 13.54
CA ARG A 236 26.75 15.46 12.75
C ARG A 236 25.73 14.39 13.11
N ASN A 237 26.21 13.21 13.49
CA ASN A 237 25.31 12.11 13.79
C ASN A 237 25.77 11.34 15.01
N ASN A 238 24.88 11.15 15.98
CA ASN A 238 25.20 10.38 17.19
C ASN A 238 25.34 8.90 16.89
N ASN A 239 24.85 8.47 15.74
CA ASN A 239 24.92 7.09 15.33
C ASN A 239 25.42 7.01 13.89
N SER A 240 26.42 7.83 13.58
CA SER A 240 26.99 7.86 12.24
C SER A 240 27.52 6.50 11.79
N SER A 241 27.20 6.17 10.54
CA SER A 241 27.61 4.94 9.89
C SER A 241 28.98 5.25 9.28
N ARG A 242 30.02 4.60 9.78
CA ARG A 242 31.38 4.85 9.30
C ARG A 242 31.80 3.90 8.22
N PHE A 243 30.84 3.22 7.62
CA PHE A 243 31.15 2.26 6.55
C PHE A 243 29.95 2.25 5.66
N GLY A 244 30.12 1.83 4.42
CA GLY A 244 29.01 1.78 3.50
C GLY A 244 28.56 0.34 3.33
N LYS A 245 27.29 0.15 3.03
CA LYS A 245 26.81 -1.21 2.86
C LYS A 245 25.80 -1.35 1.76
N PHE A 246 26.01 -2.35 0.91
CA PHE A 246 25.04 -2.62 -0.14
C PHE A 246 24.46 -3.96 0.22
N ILE A 247 23.16 -4.00 0.44
CA ILE A 247 22.51 -5.25 0.78
C ILE A 247 21.51 -5.71 -0.28
N ARG A 248 21.70 -6.92 -0.78
CA ARG A 248 20.80 -7.48 -1.79
C ARG A 248 19.82 -8.46 -1.15
N ILE A 249 18.53 -8.26 -1.40
CA ILE A 249 17.53 -9.19 -0.88
C ILE A 249 17.10 -9.97 -2.10
N HIS A 250 17.18 -11.29 -2.02
CA HIS A 250 16.82 -12.14 -3.15
C HIS A 250 15.39 -12.64 -3.13
N PHE A 251 14.86 -12.90 -4.32
CA PHE A 251 13.51 -13.39 -4.44
C PHE A 251 13.40 -14.61 -5.35
N GLY A 252 12.56 -15.55 -4.93
CA GLY A 252 12.37 -16.77 -5.70
C GLY A 252 11.24 -16.63 -6.71
N PRO A 253 10.86 -17.74 -7.36
CA PRO A 253 9.80 -17.80 -8.36
C PRO A 253 8.48 -17.20 -7.88
N THR A 254 8.01 -17.69 -6.74
CA THR A 254 6.75 -17.23 -6.16
C THR A 254 6.79 -15.79 -5.61
N GLY A 255 7.90 -15.10 -5.85
CA GLY A 255 8.00 -13.73 -5.36
C GLY A 255 8.21 -13.55 -3.88
N LYS A 256 8.83 -14.53 -3.22
CA LYS A 256 9.09 -14.42 -1.78
C LYS A 256 10.58 -14.39 -1.51
N ILE A 257 10.94 -13.97 -0.30
CA ILE A 257 12.34 -13.86 0.06
C ILE A 257 13.02 -15.19 0.07
N ALA A 258 14.20 -15.24 -0.51
CA ALA A 258 14.98 -16.46 -0.60
C ALA A 258 16.46 -16.19 -0.39
N GLY A 259 16.80 -15.48 0.68
CA GLY A 259 18.20 -15.18 0.91
C GLY A 259 18.50 -13.69 0.94
N ALA A 260 19.74 -13.37 1.32
CA ALA A 260 20.18 -11.99 1.42
C ALA A 260 21.66 -11.91 1.74
N ASP A 261 22.36 -11.05 1.03
CA ASP A 261 23.78 -10.86 1.30
C ASP A 261 24.02 -9.41 1.61
N ILE A 262 25.19 -9.12 2.19
CA ILE A 262 25.59 -7.77 2.54
C ILE A 262 27.01 -7.51 2.06
N GLU A 263 27.27 -6.29 1.62
CA GLU A 263 28.61 -5.93 1.20
C GLU A 263 28.99 -4.65 1.92
N THR A 264 30.21 -4.60 2.45
CA THR A 264 30.65 -3.40 3.16
C THR A 264 31.73 -2.67 2.39
N TYR A 265 31.81 -1.35 2.60
CA TYR A 265 32.77 -0.51 1.89
C TYR A 265 33.50 0.48 2.80
N LEU A 266 34.84 0.43 2.77
CA LEU A 266 35.68 1.33 3.56
C LEU A 266 35.29 1.57 5.00
N LEU A 267 35.84 0.77 5.90
CA LEU A 267 35.58 0.92 7.32
C LEU A 267 36.69 1.79 7.91
N GLU A 268 36.33 3.01 8.30
CA GLU A 268 37.26 3.98 8.89
C GLU A 268 38.05 3.36 10.05
N LYS A 269 39.29 2.95 9.79
CA LYS A 269 40.10 2.34 10.83
C LYS A 269 40.77 3.32 11.79
N SER A 270 40.95 4.56 11.37
CA SER A 270 41.59 5.53 12.23
C SER A 270 40.80 5.71 13.54
N ARG A 271 39.48 5.60 13.45
CA ARG A 271 38.65 5.76 14.63
C ARG A 271 38.91 4.72 15.73
N VAL A 272 39.47 3.56 15.37
CA VAL A 272 39.72 2.53 16.36
C VAL A 272 40.66 2.98 17.47
N THR A 273 41.73 3.66 17.10
CA THR A 273 42.72 4.12 18.08
C THR A 273 42.75 5.64 18.26
N TYR A 274 41.79 6.34 17.68
CA TYR A 274 41.79 7.80 17.82
C TYR A 274 40.41 8.41 17.66
N GLN A 275 40.16 9.47 18.43
CA GLN A 275 38.89 10.17 18.35
C GLN A 275 39.17 11.66 18.51
N GLN A 276 38.35 12.48 17.86
CA GLN A 276 38.50 13.93 17.96
C GLN A 276 37.51 14.39 19.02
N SER A 277 37.72 15.57 19.57
CA SER A 277 36.84 16.09 20.61
C SER A 277 35.36 15.95 20.25
N ALA A 278 34.54 15.59 21.25
CA ALA A 278 33.10 15.45 21.05
C ALA A 278 32.73 14.36 20.05
N GLU A 279 33.56 13.33 19.95
CA GLU A 279 33.33 12.22 19.03
C GLU A 279 33.69 10.90 19.73
N ARG A 280 33.10 9.78 19.33
CA ARG A 280 33.42 8.51 19.98
C ARG A 280 33.95 7.45 19.06
N ASN A 281 34.49 6.39 19.67
CA ASN A 281 35.01 5.24 18.96
C ASN A 281 33.77 4.41 18.65
N TYR A 282 33.92 3.27 17.97
CA TYR A 282 32.76 2.46 17.64
C TYR A 282 31.94 2.07 18.86
N HIS A 283 30.63 2.06 18.70
CA HIS A 283 29.71 1.76 19.78
C HIS A 283 30.05 0.50 20.58
N ILE A 284 30.47 -0.55 19.88
CA ILE A 284 30.80 -1.80 20.51
C ILE A 284 31.73 -1.66 21.70
N PHE A 285 32.59 -0.65 21.68
CA PHE A 285 33.52 -0.47 22.79
C PHE A 285 32.88 0.00 24.08
N TYR A 286 31.95 0.95 24.00
CA TYR A 286 31.33 1.46 25.20
C TYR A 286 30.31 0.50 25.81
N GLN A 287 29.72 -0.35 24.98
CA GLN A 287 28.73 -1.29 25.51
C GLN A 287 29.40 -2.56 26.06
N ILE A 288 30.65 -2.77 25.66
CA ILE A 288 31.40 -3.94 26.13
C ILE A 288 31.93 -3.62 27.54
N CYS A 289 31.78 -2.36 27.93
CA CYS A 289 32.21 -1.87 29.24
C CYS A 289 31.03 -1.21 29.95
N SER A 290 29.84 -1.73 29.69
CA SER A 290 28.63 -1.17 30.29
C SER A 290 28.19 -2.05 31.44
N ASN A 291 28.89 -3.17 31.63
CA ASN A 291 28.55 -4.12 32.68
C ASN A 291 27.09 -4.51 32.53
N ALA A 292 26.61 -4.45 31.29
CA ALA A 292 25.22 -4.80 31.02
C ALA A 292 25.08 -6.30 31.26
N ILE A 293 26.15 -7.04 30.96
CA ILE A 293 26.16 -8.48 31.14
C ILE A 293 27.38 -8.85 31.97
N PRO A 294 27.33 -8.58 33.29
CA PRO A 294 28.41 -8.84 34.26
C PRO A 294 29.16 -10.16 34.05
N GLU A 295 28.41 -11.23 33.83
CA GLU A 295 29.00 -12.55 33.62
C GLU A 295 29.95 -12.60 32.44
N LEU A 296 30.17 -11.47 31.79
CA LEU A 296 31.07 -11.41 30.65
C LEU A 296 32.34 -10.59 30.95
N ASN A 297 32.28 -9.77 31.99
CA ASN A 297 33.43 -8.94 32.37
C ASN A 297 34.65 -9.80 32.62
N ASP A 298 34.41 -11.03 33.09
CA ASP A 298 35.48 -11.95 33.39
C ASP A 298 35.84 -12.82 32.20
N VAL A 299 35.13 -12.65 31.10
CA VAL A 299 35.43 -13.41 29.90
C VAL A 299 36.35 -12.53 29.04
N MET A 300 36.07 -11.24 29.08
CA MET A 300 36.83 -10.25 28.33
C MET A 300 37.93 -9.66 29.21
N LEU A 301 37.72 -9.71 30.53
CA LEU A 301 38.67 -9.19 31.51
C LEU A 301 38.67 -7.67 31.52
N VAL A 302 37.49 -7.07 31.64
CA VAL A 302 37.42 -5.62 31.63
C VAL A 302 36.71 -5.01 32.81
N THR A 303 37.10 -3.78 33.13
CA THR A 303 36.49 -3.03 34.22
C THR A 303 35.38 -2.20 33.57
N PRO A 304 34.16 -2.26 34.12
CA PRO A 304 33.00 -1.52 33.60
C PRO A 304 33.16 0.00 33.64
N ASP A 305 34.23 0.50 33.06
CA ASP A 305 34.51 1.93 33.03
C ASP A 305 35.14 2.28 31.67
N SER A 306 34.38 2.96 30.82
CA SER A 306 34.86 3.32 29.50
C SER A 306 35.94 4.41 29.56
N GLY A 307 35.79 5.37 30.46
CA GLY A 307 36.77 6.43 30.58
C GLY A 307 38.09 5.89 31.08
N LEU A 308 38.19 4.57 31.18
CA LEU A 308 39.38 3.91 31.67
C LEU A 308 40.36 3.48 30.58
N TYR A 309 39.90 3.39 29.33
CA TYR A 309 40.78 2.98 28.26
C TYR A 309 41.12 4.12 27.30
N SER A 310 42.42 4.28 27.04
CA SER A 310 42.89 5.35 26.17
C SER A 310 42.45 5.25 24.69
N PHE A 311 42.13 4.05 24.22
CA PHE A 311 41.68 3.89 22.83
C PHE A 311 40.24 4.38 22.60
N ILE A 312 39.49 4.64 23.67
CA ILE A 312 38.11 5.07 23.50
C ILE A 312 37.71 6.23 24.40
N ASN A 313 38.64 6.71 25.21
CA ASN A 313 38.33 7.80 26.14
C ASN A 313 38.86 9.15 25.68
N GLN A 314 39.27 9.26 24.42
CA GLN A 314 39.83 10.50 23.91
C GLN A 314 38.82 11.60 23.72
N GLY A 315 37.56 11.23 23.49
CA GLY A 315 36.52 12.22 23.30
C GLY A 315 35.41 12.09 24.31
N CYS A 316 34.20 11.87 23.81
CA CYS A 316 33.02 11.71 24.67
C CYS A 316 32.97 10.26 25.10
N LEU A 317 32.22 9.99 26.17
CA LEU A 317 32.06 8.63 26.66
C LEU A 317 30.62 8.21 26.48
N THR A 318 29.71 9.17 26.64
CA THR A 318 28.28 8.90 26.50
C THR A 318 27.58 9.75 25.44
N VAL A 319 26.52 9.19 24.86
CA VAL A 319 25.73 9.87 23.86
C VAL A 319 24.34 10.10 24.45
N ASP A 320 23.82 11.29 24.21
CA ASP A 320 22.52 11.74 24.72
C ASP A 320 21.32 10.83 24.44
N ASN A 321 21.28 10.23 23.26
CA ASN A 321 20.16 9.36 22.90
C ASN A 321 20.57 7.91 22.62
N ILE A 322 21.65 7.48 23.25
CA ILE A 322 22.13 6.11 23.10
C ILE A 322 22.38 5.52 24.48
N ASP A 323 21.67 4.45 24.79
CA ASP A 323 21.80 3.77 26.07
C ASP A 323 22.71 2.57 25.81
N ASP A 324 23.99 2.75 26.12
CA ASP A 324 24.97 1.70 25.89
C ASP A 324 24.66 0.37 26.54
N VAL A 325 23.83 0.39 27.58
CA VAL A 325 23.48 -0.84 28.27
C VAL A 325 22.47 -1.69 27.48
N GLU A 326 21.24 -1.20 27.37
CA GLU A 326 20.21 -1.92 26.65
C GLU A 326 20.75 -2.29 25.27
N GLU A 327 21.49 -1.37 24.67
CA GLU A 327 22.07 -1.63 23.35
C GLU A 327 22.97 -2.86 23.35
N PHE A 328 23.75 -3.04 24.42
CA PHE A 328 24.61 -4.21 24.48
C PHE A 328 23.77 -5.47 24.65
N LYS A 329 22.65 -5.36 25.34
CA LYS A 329 21.78 -6.53 25.53
C LYS A 329 21.23 -6.93 24.18
N LEU A 330 20.70 -5.95 23.44
CA LEU A 330 20.12 -6.17 22.12
C LEU A 330 21.15 -6.73 21.15
N CYS A 331 22.40 -6.33 21.34
CA CYS A 331 23.46 -6.82 20.48
C CYS A 331 23.66 -8.31 20.78
N ASP A 332 23.77 -8.64 22.07
CA ASP A 332 23.94 -10.02 22.48
C ASP A 332 22.82 -10.87 21.89
N GLU A 333 21.58 -10.40 22.04
CA GLU A 333 20.41 -11.11 21.51
C GLU A 333 20.49 -11.28 19.99
N ALA A 334 20.86 -10.20 19.29
CA ALA A 334 20.98 -10.21 17.84
C ALA A 334 21.90 -11.37 17.44
N PHE A 335 23.07 -11.43 18.07
CA PHE A 335 24.03 -12.49 17.80
C PHE A 335 23.37 -13.88 17.97
N ASP A 336 22.48 -14.01 18.94
CA ASP A 336 21.79 -15.28 19.17
C ASP A 336 20.78 -15.58 18.07
N ILE A 337 19.95 -14.59 17.74
CA ILE A 337 18.98 -14.77 16.68
C ILE A 337 19.72 -14.98 15.35
N LEU A 338 20.95 -14.49 15.28
CA LEU A 338 21.76 -14.61 14.07
C LEU A 338 22.29 -16.03 13.86
N GLY A 339 22.13 -16.89 14.87
CA GLY A 339 22.61 -18.27 14.77
C GLY A 339 24.06 -18.48 15.20
N PHE A 340 24.56 -17.57 16.01
CA PHE A 340 25.94 -17.63 16.49
C PHE A 340 26.07 -18.56 17.70
N THR A 341 27.10 -19.40 17.71
CA THR A 341 27.32 -20.29 18.86
C THR A 341 27.79 -19.41 20.02
N LYS A 342 27.77 -19.94 21.24
CA LYS A 342 28.23 -19.15 22.38
C LYS A 342 29.71 -18.85 22.19
N GLU A 343 30.38 -19.70 21.42
CA GLU A 343 31.80 -19.53 21.15
C GLU A 343 32.04 -18.36 20.21
N GLU A 344 31.58 -18.48 18.97
CA GLU A 344 31.74 -17.41 17.99
C GLU A 344 31.37 -16.07 18.64
N LYS A 345 30.23 -16.04 19.32
CA LYS A 345 29.78 -14.83 19.97
C LYS A 345 30.79 -14.31 20.98
N GLN A 346 31.27 -15.18 21.87
CA GLN A 346 32.23 -14.74 22.87
C GLN A 346 33.59 -14.56 22.24
N SER A 347 33.82 -15.23 21.11
CA SER A 347 35.09 -15.10 20.41
C SER A 347 35.23 -13.66 19.94
N MET A 348 34.15 -13.12 19.39
CA MET A 348 34.11 -11.73 18.90
C MET A 348 34.32 -10.77 20.06
N PHE A 349 33.46 -10.90 21.08
CA PHE A 349 33.52 -10.06 22.27
C PHE A 349 34.92 -9.97 22.85
N LYS A 350 35.63 -11.09 22.88
CA LYS A 350 36.96 -11.11 23.42
C LYS A 350 37.96 -10.32 22.58
N CYS A 351 37.97 -10.56 21.27
CA CYS A 351 38.90 -9.86 20.38
C CYS A 351 38.65 -8.35 20.43
N THR A 352 37.44 -7.98 20.81
CA THR A 352 37.09 -6.58 20.90
C THR A 352 37.76 -6.00 22.14
N ALA A 353 37.70 -6.74 23.24
CA ALA A 353 38.32 -6.30 24.48
C ALA A 353 39.85 -6.34 24.34
N SER A 354 40.35 -7.32 23.58
CA SER A 354 41.80 -7.43 23.35
C SER A 354 42.34 -6.07 22.95
N ILE A 355 41.63 -5.42 22.02
CA ILE A 355 42.00 -4.12 21.49
C ILE A 355 41.92 -3.04 22.56
N LEU A 356 40.90 -3.13 23.40
CA LEU A 356 40.71 -2.16 24.47
C LEU A 356 41.99 -2.16 25.32
N HIS A 357 42.44 -3.36 25.67
CA HIS A 357 43.64 -3.55 26.50
C HIS A 357 44.92 -3.15 25.78
N MET A 358 44.99 -3.43 24.48
CA MET A 358 46.16 -3.09 23.67
C MET A 358 46.54 -1.63 23.89
N GLY A 359 45.54 -0.79 24.10
CA GLY A 359 45.78 0.62 24.30
C GLY A 359 46.36 0.91 25.65
N GLU A 360 46.20 -0.01 26.59
CA GLU A 360 46.70 0.18 27.94
C GLU A 360 48.11 -0.35 28.17
N MET A 361 48.65 -1.11 27.22
CA MET A 361 50.00 -1.61 27.33
C MET A 361 50.99 -0.45 27.44
N LYS A 362 51.86 -0.51 28.44
CA LYS A 362 52.83 0.55 28.65
C LYS A 362 54.22 0.13 28.18
N PHE A 363 55.01 1.10 27.75
CA PHE A 363 56.38 0.87 27.28
C PHE A 363 57.25 2.06 27.69
N LYS A 364 58.55 1.85 27.74
CA LYS A 364 59.49 2.91 28.11
C LYS A 364 60.74 2.78 27.27
N GLN A 365 61.56 3.82 27.25
CA GLN A 365 62.80 3.77 26.47
C GLN A 365 63.95 3.32 27.36
N ARG A 366 64.53 2.16 27.04
CA ARG A 366 65.63 1.58 27.81
C ARG A 366 66.56 2.64 28.39
N PRO A 367 67.10 2.39 29.60
CA PRO A 367 68.01 3.29 30.33
C PRO A 367 68.95 4.17 29.49
N ARG A 368 70.02 3.59 28.96
CA ARG A 368 70.99 4.33 28.17
C ARG A 368 70.71 4.27 26.66
N GLU A 369 70.52 3.05 26.16
CA GLU A 369 70.25 2.81 24.74
C GLU A 369 68.87 3.31 24.34
N GLU A 370 68.57 4.56 24.66
CA GLU A 370 67.31 5.21 24.33
C GLU A 370 66.55 4.51 23.19
N GLN A 371 65.96 3.35 23.47
CA GLN A 371 65.22 2.58 22.48
C GLN A 371 63.81 2.44 23.01
N ALA A 372 63.33 1.20 23.12
CA ALA A 372 61.99 0.97 23.65
C ALA A 372 61.86 -0.42 24.22
N GLU A 373 61.33 -0.51 25.44
CA GLU A 373 61.15 -1.78 26.11
C GLU A 373 59.82 -1.85 26.85
N SER A 374 59.44 -3.07 27.20
CA SER A 374 58.21 -3.35 27.94
C SER A 374 58.19 -2.55 29.24
N ASP A 375 57.04 -2.53 29.91
CA ASP A 375 56.93 -1.80 31.18
C ASP A 375 55.80 -2.43 32.00
N GLY A 376 55.99 -3.70 32.36
CA GLY A 376 54.98 -4.42 33.09
C GLY A 376 54.36 -5.27 32.01
N THR A 377 53.50 -6.21 32.37
CA THR A 377 52.90 -7.06 31.35
C THR A 377 51.46 -7.44 31.69
N ALA A 378 50.88 -6.75 32.66
CA ALA A 378 49.51 -7.05 33.05
C ALA A 378 48.61 -6.97 31.84
N GLU A 379 48.74 -5.88 31.07
CA GLU A 379 47.93 -5.65 29.87
C GLU A 379 48.28 -6.57 28.71
N ALA A 380 49.56 -6.66 28.38
CA ALA A 380 49.99 -7.53 27.29
C ALA A 380 49.60 -8.98 27.62
N GLU A 381 49.46 -9.25 28.91
CA GLU A 381 49.09 -10.58 29.37
C GLU A 381 47.62 -10.80 29.05
N LYS A 382 46.79 -9.83 29.38
CA LYS A 382 45.35 -9.93 29.12
C LYS A 382 45.14 -10.06 27.61
N VAL A 383 45.93 -9.32 26.86
CA VAL A 383 45.84 -9.35 25.41
C VAL A 383 46.15 -10.73 24.85
N ALA A 384 47.37 -11.18 25.11
CA ALA A 384 47.81 -12.49 24.63
C ALA A 384 46.85 -13.60 25.07
N PHE A 385 46.21 -13.41 26.23
CA PHE A 385 45.28 -14.38 26.78
C PHE A 385 44.03 -14.49 25.91
N LEU A 386 43.36 -13.37 25.70
CA LEU A 386 42.16 -13.33 24.88
C LEU A 386 42.44 -13.72 23.43
N CYS A 387 43.60 -13.29 22.91
CA CYS A 387 43.98 -13.58 21.53
C CYS A 387 44.52 -14.98 21.23
N GLY A 388 44.84 -15.74 22.28
CA GLY A 388 45.33 -17.09 22.09
C GLY A 388 46.80 -17.23 21.75
N ILE A 389 47.63 -16.33 22.25
CA ILE A 389 49.06 -16.44 21.97
C ILE A 389 49.88 -16.35 23.25
N ASN A 390 51.20 -16.23 23.08
CA ASN A 390 52.13 -16.14 24.20
C ASN A 390 52.49 -14.68 24.43
N ALA A 391 52.11 -14.15 25.59
CA ALA A 391 52.40 -12.75 25.93
C ALA A 391 53.87 -12.40 25.74
N GLY A 392 54.75 -13.39 25.89
CA GLY A 392 56.17 -13.15 25.74
C GLY A 392 56.57 -13.16 24.26
N ASP A 393 55.87 -13.98 23.48
CA ASP A 393 56.11 -14.09 22.05
C ASP A 393 55.51 -12.88 21.35
N LEU A 394 54.68 -12.15 22.08
CA LEU A 394 54.00 -10.96 21.58
C LEU A 394 54.88 -9.73 21.70
N LEU A 395 55.29 -9.41 22.93
CA LEU A 395 56.14 -8.25 23.17
C LEU A 395 57.48 -8.35 22.43
N LYS A 396 57.89 -9.58 22.10
CA LYS A 396 59.14 -9.81 21.39
C LYS A 396 58.97 -9.34 19.95
N ALA A 397 57.79 -9.63 19.38
CA ALA A 397 57.46 -9.25 18.01
C ALA A 397 57.12 -7.77 17.90
N LEU A 398 57.01 -7.09 19.03
CA LEU A 398 56.68 -5.66 19.06
C LEU A 398 57.89 -4.81 19.43
N LEU A 399 58.75 -5.36 20.29
CA LEU A 399 59.95 -4.65 20.74
C LEU A 399 61.18 -4.93 19.86
N LYS A 400 61.27 -6.14 19.31
CA LYS A 400 62.38 -6.48 18.42
C LYS A 400 62.02 -7.58 17.40
N PRO A 401 61.49 -7.17 16.23
CA PRO A 401 61.08 -8.05 15.13
C PRO A 401 62.24 -8.59 14.30
N LYS A 402 61.96 -9.64 13.53
CA LYS A 402 62.97 -10.25 12.69
C LYS A 402 62.59 -10.19 11.23
N VAL A 403 62.77 -9.00 10.64
CA VAL A 403 62.45 -8.75 9.23
C VAL A 403 63.17 -9.74 8.33
N LYS A 404 62.42 -10.62 7.66
CA LYS A 404 62.99 -11.62 6.78
C LYS A 404 63.08 -11.15 5.32
N VAL A 405 63.84 -11.89 4.53
CA VAL A 405 64.04 -11.58 3.12
C VAL A 405 64.02 -12.87 2.31
N GLY A 406 62.86 -13.21 1.75
CA GLY A 406 62.72 -14.42 0.96
C GLY A 406 62.56 -15.63 1.87
N THR A 407 63.44 -15.75 2.86
CA THR A 407 63.42 -16.85 3.81
C THR A 407 64.55 -16.65 4.81
N GLU A 408 64.61 -15.46 5.42
CA GLU A 408 65.64 -15.14 6.40
C GLU A 408 65.07 -14.46 7.64
N MET A 409 65.86 -13.55 8.23
CA MET A 409 65.46 -12.84 9.42
C MET A 409 66.50 -11.79 9.82
N VAL A 410 66.02 -10.62 10.22
CA VAL A 410 66.88 -9.51 10.63
C VAL A 410 66.36 -8.94 11.96
N THR A 411 66.84 -9.50 13.07
CA THR A 411 66.41 -9.04 14.40
C THR A 411 66.82 -7.61 14.66
N LYS A 412 65.84 -6.80 15.08
CA LYS A 412 66.10 -5.39 15.36
C LYS A 412 65.06 -4.77 16.30
N GLY A 413 65.53 -3.99 17.26
CA GLY A 413 64.63 -3.35 18.20
C GLY A 413 64.09 -2.04 17.66
N GLN A 414 63.12 -1.46 18.36
CA GLN A 414 62.53 -0.20 17.93
C GLN A 414 62.33 0.79 19.07
N ASN A 415 62.01 2.03 18.73
CA ASN A 415 61.82 3.06 19.75
C ASN A 415 60.36 3.29 20.14
N MET A 416 60.14 4.31 20.95
CA MET A 416 58.82 4.63 21.47
C MET A 416 57.70 4.76 20.45
N ASN A 417 57.87 5.63 19.45
CA ASN A 417 56.84 5.84 18.44
C ASN A 417 56.71 4.65 17.49
N GLN A 418 57.82 4.00 17.19
CA GLN A 418 57.79 2.84 16.31
C GLN A 418 56.90 1.77 16.92
N VAL A 419 56.97 1.65 18.24
CA VAL A 419 56.19 0.67 18.98
C VAL A 419 54.72 1.07 19.16
N VAL A 420 54.43 2.34 19.45
CA VAL A 420 53.04 2.73 19.60
C VAL A 420 52.31 2.60 18.26
N ASN A 421 53.06 2.68 17.17
CA ASN A 421 52.46 2.55 15.85
C ASN A 421 52.20 1.10 15.49
N SER A 422 53.15 0.23 15.80
CA SER A 422 52.96 -1.17 15.51
C SER A 422 51.78 -1.72 16.30
N VAL A 423 51.57 -1.21 17.51
CA VAL A 423 50.46 -1.65 18.33
C VAL A 423 49.17 -1.07 17.78
N GLY A 424 49.23 0.20 17.40
CA GLY A 424 48.07 0.84 16.81
C GLY A 424 47.69 0.04 15.58
N ALA A 425 48.68 -0.23 14.74
CA ALA A 425 48.46 -0.98 13.54
C ALA A 425 47.83 -2.34 13.85
N LEU A 426 48.28 -2.97 14.92
CA LEU A 426 47.72 -4.27 15.28
C LEU A 426 46.24 -4.14 15.66
N ALA A 427 45.88 -3.03 16.30
CA ALA A 427 44.49 -2.83 16.69
C ALA A 427 43.65 -2.61 15.44
N LYS A 428 44.09 -1.69 14.60
CA LYS A 428 43.39 -1.38 13.38
C LYS A 428 43.20 -2.63 12.51
N SER A 429 44.25 -3.43 12.36
CA SER A 429 44.16 -4.64 11.56
C SER A 429 43.21 -5.68 12.14
N LEU A 430 43.33 -5.92 13.44
CA LEU A 430 42.45 -6.91 14.08
C LEU A 430 40.98 -6.49 13.94
N TYR A 431 40.70 -5.22 14.17
CA TYR A 431 39.33 -4.74 14.08
C TYR A 431 38.76 -4.82 12.64
N ASP A 432 39.46 -4.27 11.66
CA ASP A 432 38.99 -4.32 10.29
C ASP A 432 38.85 -5.78 9.88
N ARG A 433 39.87 -6.57 10.19
CA ARG A 433 39.86 -7.98 9.83
C ARG A 433 38.69 -8.71 10.48
N MET A 434 38.29 -8.26 11.66
CA MET A 434 37.16 -8.89 12.35
C MET A 434 35.81 -8.41 11.83
N PHE A 435 35.73 -7.17 11.36
CA PHE A 435 34.50 -6.61 10.83
C PHE A 435 34.16 -7.37 9.57
N ASN A 436 35.17 -7.57 8.72
CA ASN A 436 34.95 -8.29 7.50
C ASN A 436 34.58 -9.75 7.80
N TRP A 437 35.01 -10.26 8.96
CA TRP A 437 34.69 -11.62 9.31
C TRP A 437 33.23 -11.63 9.73
N LEU A 438 32.85 -10.63 10.50
CA LEU A 438 31.46 -10.49 10.97
C LEU A 438 30.50 -10.50 9.80
N VAL A 439 30.88 -9.83 8.71
CA VAL A 439 30.03 -9.77 7.52
C VAL A 439 29.91 -11.13 6.85
N ARG A 440 31.04 -11.77 6.55
CA ARG A 440 31.01 -13.10 5.95
C ARG A 440 30.15 -14.04 6.80
N ARG A 441 30.39 -14.06 8.10
CA ARG A 441 29.61 -14.93 8.96
C ARG A 441 28.13 -14.64 8.83
N VAL A 442 27.76 -13.36 8.83
CA VAL A 442 26.35 -12.99 8.68
C VAL A 442 25.79 -13.45 7.34
N ASN A 443 26.56 -13.30 6.25
CA ASN A 443 26.10 -13.76 4.95
C ASN A 443 25.92 -15.28 5.00
N LYS A 444 26.85 -15.97 5.67
CA LYS A 444 26.77 -17.42 5.78
C LYS A 444 25.38 -17.79 6.26
N THR A 445 24.90 -17.07 7.26
CA THR A 445 23.59 -17.32 7.83
C THR A 445 22.44 -16.96 6.87
N LEU A 446 22.48 -15.76 6.29
CA LEU A 446 21.41 -15.33 5.39
C LEU A 446 21.43 -16.00 4.04
N ASP A 447 22.42 -16.85 3.79
CA ASP A 447 22.51 -17.53 2.51
C ASP A 447 21.78 -18.87 2.47
N THR A 448 20.47 -18.80 2.20
CA THR A 448 19.65 -20.00 2.11
C THR A 448 19.71 -20.38 0.63
N LYS A 449 19.94 -21.66 0.34
CA LYS A 449 20.04 -22.08 -1.05
C LYS A 449 18.73 -22.21 -1.82
N ALA A 450 17.82 -21.27 -1.59
CA ALA A 450 16.52 -21.27 -2.28
C ALA A 450 16.75 -20.81 -3.71
N LYS A 451 15.74 -20.96 -4.57
CA LYS A 451 15.93 -20.54 -5.95
C LYS A 451 15.77 -19.03 -6.04
N ARG A 452 16.75 -18.38 -6.66
CA ARG A 452 16.73 -16.93 -6.81
C ARG A 452 16.54 -16.54 -8.27
N ASN A 453 15.66 -15.57 -8.51
CA ASN A 453 15.41 -15.10 -9.87
C ASN A 453 15.77 -13.61 -9.99
N TYR A 454 15.40 -12.83 -8.98
CA TYR A 454 15.64 -11.40 -8.97
C TYR A 454 16.00 -10.93 -7.59
N TYR A 455 16.57 -9.73 -7.50
CA TYR A 455 16.89 -9.16 -6.21
C TYR A 455 16.56 -7.68 -6.17
N ILE A 456 16.39 -7.17 -4.95
CA ILE A 456 16.13 -5.76 -4.72
C ILE A 456 17.29 -5.26 -3.86
N GLY A 457 18.16 -4.44 -4.43
CA GLY A 457 19.28 -3.94 -3.66
C GLY A 457 19.05 -2.61 -2.96
N VAL A 458 19.56 -2.50 -1.74
CA VAL A 458 19.44 -1.25 -1.01
C VAL A 458 20.83 -0.77 -0.70
N LEU A 459 21.15 0.46 -1.10
CA LEU A 459 22.47 1.03 -0.85
C LEU A 459 22.43 2.12 0.21
N ASP A 460 23.34 2.04 1.17
CA ASP A 460 23.45 3.00 2.27
C ASP A 460 24.93 3.30 2.56
N ILE A 461 25.49 4.28 1.86
CA ILE A 461 26.89 4.67 2.06
C ILE A 461 26.99 5.68 3.17
N ALA A 462 28.22 6.09 3.48
CA ALA A 462 28.47 7.11 4.49
C ALA A 462 28.23 8.44 3.76
N GLY A 463 27.29 9.21 4.27
CA GLY A 463 26.94 10.47 3.62
C GLY A 463 28.02 11.51 3.45
N PHE A 464 27.69 12.56 2.72
CA PHE A 464 28.66 13.63 2.50
C PHE A 464 28.91 14.34 3.82
N GLU A 465 30.15 14.75 4.07
CA GLU A 465 30.44 15.45 5.32
C GLU A 465 31.63 16.39 5.28
N ILE A 466 31.54 17.44 6.11
CA ILE A 466 32.59 18.43 6.25
C ILE A 466 32.91 18.65 7.73
N PHE A 467 34.06 18.17 8.19
CA PHE A 467 34.46 18.36 9.59
C PHE A 467 35.31 19.63 9.64
N ASP A 468 35.72 20.04 10.83
CA ASP A 468 36.56 21.22 10.94
C ASP A 468 37.94 20.80 10.43
N PHE A 469 38.20 19.50 10.44
CA PHE A 469 39.45 18.94 9.95
C PHE A 469 39.13 17.77 9.02
N ASN A 470 39.47 17.90 7.75
CA ASN A 470 39.17 16.85 6.78
C ASN A 470 40.42 16.17 6.26
N SER A 471 40.44 14.85 6.31
CA SER A 471 41.58 14.09 5.84
C SER A 471 41.12 13.01 4.86
N PHE A 472 41.98 12.02 4.65
CA PHE A 472 41.70 10.92 3.72
C PHE A 472 40.31 10.32 3.92
N GLU A 473 39.92 10.11 5.17
CA GLU A 473 38.63 9.55 5.49
C GLU A 473 37.55 10.30 4.71
N GLN A 474 37.50 11.60 4.90
CA GLN A 474 36.52 12.44 4.24
C GLN A 474 36.67 12.48 2.73
N LEU A 475 37.91 12.49 2.22
CA LEU A 475 38.07 12.52 0.78
C LEU A 475 37.34 11.29 0.26
N CYS A 476 37.73 10.13 0.77
CA CYS A 476 37.11 8.87 0.37
C CYS A 476 35.59 8.89 0.39
N ILE A 477 35.01 9.33 1.50
CA ILE A 477 33.56 9.40 1.63
C ILE A 477 32.93 10.34 0.60
N ASN A 478 33.30 11.62 0.65
CA ASN A 478 32.74 12.58 -0.28
C ASN A 478 32.93 12.14 -1.73
N TYR A 479 33.95 11.33 -1.98
CA TYR A 479 34.21 10.85 -3.33
C TYR A 479 33.07 9.93 -3.75
N THR A 480 32.78 8.95 -2.88
CA THR A 480 31.70 8.00 -3.12
C THR A 480 30.38 8.74 -3.34
N ASN A 481 30.12 9.79 -2.55
CA ASN A 481 28.89 10.56 -2.69
C ASN A 481 28.86 11.31 -4.03
N GLU A 482 30.01 11.84 -4.42
CA GLU A 482 30.16 12.57 -5.69
C GLU A 482 29.73 11.65 -6.81
N ARG A 483 30.31 10.46 -6.78
CA ARG A 483 30.09 9.42 -7.77
C ARG A 483 28.67 8.85 -7.74
N LEU A 484 27.96 8.96 -6.61
CA LEU A 484 26.60 8.45 -6.56
C LEU A 484 25.64 9.52 -7.06
N GLN A 485 25.97 10.80 -6.80
CA GLN A 485 25.12 11.89 -7.26
C GLN A 485 25.22 11.91 -8.77
N GLN A 486 26.39 11.56 -9.28
CA GLN A 486 26.61 11.53 -10.72
C GLN A 486 25.86 10.35 -11.34
N PHE A 487 25.78 9.25 -10.60
CA PHE A 487 25.07 8.08 -11.12
C PHE A 487 23.60 8.47 -11.22
N PHE A 488 23.17 9.41 -10.38
CA PHE A 488 21.80 9.88 -10.40
C PHE A 488 21.53 10.82 -11.57
N ASN A 489 22.37 11.83 -11.78
CA ASN A 489 22.06 12.71 -12.90
C ASN A 489 22.29 12.07 -14.24
N HIS A 490 23.24 11.15 -14.32
CA HIS A 490 23.45 10.49 -15.59
C HIS A 490 22.18 9.69 -15.87
N HIS A 491 21.65 9.06 -14.83
CA HIS A 491 20.44 8.28 -15.01
C HIS A 491 19.18 9.10 -15.15
N MET A 492 19.11 10.23 -14.45
CA MET A 492 17.93 11.09 -14.47
C MET A 492 17.87 12.12 -15.58
N PHE A 493 19.02 12.40 -16.20
CA PHE A 493 19.04 13.43 -17.22
C PHE A 493 19.67 12.98 -18.52
N ILE A 494 20.69 12.13 -18.44
CA ILE A 494 21.31 11.66 -19.66
C ILE A 494 20.66 10.40 -20.24
N LEU A 495 20.60 9.30 -19.48
CA LEU A 495 19.97 8.08 -19.98
C LEU A 495 18.51 8.31 -20.34
N GLU A 496 17.81 9.04 -19.48
CA GLU A 496 16.41 9.36 -19.71
C GLU A 496 16.24 9.84 -21.14
N GLN A 497 17.10 10.76 -21.56
CA GLN A 497 17.00 11.30 -22.91
C GLN A 497 17.53 10.39 -24.01
N GLU A 498 18.57 9.62 -23.69
CA GLU A 498 19.11 8.69 -24.67
C GLU A 498 18.00 7.70 -25.01
N GLU A 499 17.21 7.34 -24.00
CA GLU A 499 16.10 6.39 -24.12
C GLU A 499 15.03 6.91 -25.09
N TYR A 500 14.63 8.16 -24.93
CA TYR A 500 13.66 8.78 -25.82
C TYR A 500 14.16 8.65 -27.26
N LYS A 501 15.35 9.20 -27.53
CA LYS A 501 15.93 9.16 -28.88
C LYS A 501 16.02 7.75 -29.43
N LYS A 502 16.42 6.80 -28.60
CA LYS A 502 16.58 5.41 -29.02
C LYS A 502 15.25 4.74 -29.40
N GLU A 503 14.14 5.26 -28.90
CA GLU A 503 12.82 4.71 -29.20
C GLU A 503 12.16 5.40 -30.40
N GLY A 504 12.95 6.12 -31.19
CA GLY A 504 12.40 6.80 -32.35
C GLY A 504 11.58 8.02 -31.98
N ILE A 505 11.61 8.43 -30.73
CA ILE A 505 10.85 9.60 -30.32
C ILE A 505 11.60 10.88 -30.69
N ALA A 506 10.93 11.75 -31.44
CA ALA A 506 11.53 13.01 -31.83
C ALA A 506 11.71 13.77 -30.52
N TRP A 507 12.96 13.99 -30.14
CA TRP A 507 13.25 14.68 -28.90
C TRP A 507 14.51 15.52 -29.03
N GLU A 508 14.37 16.82 -28.75
CA GLU A 508 15.46 17.75 -28.80
C GLU A 508 16.12 17.64 -27.41
N PHE A 509 17.41 17.33 -27.38
CA PHE A 509 18.13 17.18 -26.12
C PHE A 509 18.19 18.44 -25.26
N ILE A 510 18.03 18.26 -23.95
CA ILE A 510 18.09 19.35 -22.99
C ILE A 510 19.27 19.09 -22.07
N ASP A 511 19.93 20.17 -21.64
CA ASP A 511 21.09 20.10 -20.75
C ASP A 511 20.73 20.75 -19.42
N PHE A 512 20.44 19.94 -18.41
CA PHE A 512 20.07 20.50 -17.11
C PHE A 512 21.26 20.96 -16.28
N GLY A 513 22.46 20.74 -16.81
CA GLY A 513 23.66 21.17 -16.13
C GLY A 513 23.99 20.34 -14.91
N MET A 514 23.75 19.04 -14.99
CA MET A 514 24.04 18.16 -13.88
C MET A 514 25.08 17.16 -14.34
N ASP A 515 26.34 17.54 -14.15
CA ASP A 515 27.47 16.69 -14.52
C ASP A 515 28.63 16.99 -13.58
N LEU A 516 29.13 15.95 -12.93
CA LEU A 516 30.18 16.13 -11.96
C LEU A 516 31.49 15.50 -12.39
N GLN A 517 31.57 15.11 -13.66
CA GLN A 517 32.78 14.48 -14.14
C GLN A 517 34.08 15.23 -13.78
N MET A 518 34.06 16.55 -13.86
CA MET A 518 35.25 17.34 -13.51
C MET A 518 35.84 16.95 -12.16
N CYS A 519 35.04 17.08 -11.11
CA CYS A 519 35.49 16.75 -9.77
C CYS A 519 35.75 15.26 -9.61
N ILE A 520 35.01 14.42 -10.33
CA ILE A 520 35.19 12.97 -10.24
C ILE A 520 36.51 12.56 -10.89
N ASP A 521 36.79 13.10 -12.08
CA ASP A 521 38.03 12.77 -12.79
C ASP A 521 39.30 13.30 -12.11
N LEU A 522 39.14 14.39 -11.37
CA LEU A 522 40.24 14.99 -10.64
C LEU A 522 40.71 14.00 -9.55
N ILE A 523 39.78 13.21 -9.04
CA ILE A 523 40.07 12.23 -7.99
C ILE A 523 40.41 10.83 -8.52
N GLU A 524 39.55 10.34 -9.41
CA GLU A 524 39.63 9.00 -9.98
C GLU A 524 40.62 8.70 -11.11
N LYS A 525 40.67 9.55 -12.13
CA LYS A 525 41.55 9.31 -13.29
C LYS A 525 43.06 9.48 -13.03
N PRO A 526 43.90 8.89 -13.92
CA PRO A 526 45.38 8.91 -13.87
C PRO A 526 46.01 10.28 -13.56
N MET A 527 45.34 11.35 -13.97
CA MET A 527 45.85 12.67 -13.68
C MET A 527 45.76 12.86 -12.14
N GLY A 528 44.58 12.51 -11.64
CA GLY A 528 44.18 12.65 -10.25
C GLY A 528 44.95 12.42 -8.98
N ILE A 529 44.30 12.87 -7.91
CA ILE A 529 44.80 12.77 -6.56
C ILE A 529 45.10 11.35 -6.14
N LEU A 530 44.08 10.49 -6.17
CA LEU A 530 44.27 9.10 -5.77
C LEU A 530 45.30 8.37 -6.63
N SER A 531 45.53 8.87 -7.84
CA SER A 531 46.52 8.24 -8.68
C SER A 531 47.91 8.71 -8.20
N ILE A 532 48.02 9.99 -7.86
CA ILE A 532 49.29 10.50 -7.37
C ILE A 532 49.60 9.84 -6.02
N LEU A 533 48.57 9.69 -5.19
CA LEU A 533 48.75 9.05 -3.88
C LEU A 533 49.21 7.62 -4.07
N GLU A 534 48.59 6.90 -4.98
CA GLU A 534 48.93 5.50 -5.25
C GLU A 534 50.34 5.34 -5.79
N GLU A 535 50.82 6.36 -6.47
CA GLU A 535 52.16 6.38 -7.06
C GLU A 535 53.24 6.60 -5.99
N GLU A 536 52.94 7.48 -5.04
CA GLU A 536 53.86 7.82 -3.98
C GLU A 536 53.97 6.83 -2.82
N CYS A 537 53.27 5.69 -2.94
CA CYS A 537 53.35 4.67 -1.91
C CYS A 537 54.35 3.63 -2.39
N MET A 538 54.85 3.85 -3.60
CA MET A 538 55.83 2.99 -4.23
C MET A 538 57.22 3.60 -4.12
N PHE A 539 57.29 4.77 -3.49
CA PHE A 539 58.57 5.45 -3.28
C PHE A 539 58.93 5.45 -1.81
N PRO A 540 59.96 4.68 -1.44
CA PRO A 540 60.46 4.54 -0.07
C PRO A 540 60.58 5.84 0.71
N LYS A 541 60.93 6.93 0.03
CA LYS A 541 61.07 8.21 0.73
C LYS A 541 60.16 9.32 0.25
N ALA A 542 58.87 9.01 0.08
CA ALA A 542 57.93 10.04 -0.32
C ALA A 542 57.47 10.71 0.97
N ASP A 543 57.22 12.01 0.93
CA ASP A 543 56.79 12.74 2.13
C ASP A 543 55.50 13.53 1.91
N ASP A 544 54.95 14.06 3.00
CA ASP A 544 53.74 14.86 2.93
C ASP A 544 53.99 16.04 1.98
N LYS A 545 55.15 16.67 2.13
CA LYS A 545 55.53 17.81 1.30
C LYS A 545 55.69 17.39 -0.15
N SER A 546 56.32 16.25 -0.39
CA SER A 546 56.53 15.75 -1.75
C SER A 546 55.20 15.55 -2.48
N PHE A 547 54.21 15.07 -1.75
CA PHE A 547 52.87 14.81 -2.28
C PHE A 547 52.25 16.15 -2.66
N GLN A 548 52.22 17.09 -1.71
CA GLN A 548 51.64 18.40 -1.98
C GLN A 548 52.20 19.01 -3.25
N ASP A 549 53.44 18.69 -3.58
CA ASP A 549 54.07 19.24 -4.79
C ASP A 549 53.50 18.62 -6.07
N LYS A 550 53.49 17.29 -6.14
CA LYS A 550 52.97 16.61 -7.32
C LYS A 550 51.51 16.98 -7.58
N LEU A 551 50.76 17.25 -6.51
CA LEU A 551 49.35 17.62 -6.64
C LEU A 551 49.26 19.00 -7.26
N TYR A 552 49.84 19.99 -6.58
CA TYR A 552 49.82 21.35 -7.07
C TYR A 552 50.41 21.45 -8.47
N GLN A 553 51.33 20.55 -8.77
CA GLN A 553 51.99 20.51 -10.07
C GLN A 553 51.06 20.15 -11.23
N ASN A 554 50.14 19.24 -10.98
CA ASN A 554 49.24 18.83 -12.03
C ASN A 554 47.84 19.43 -11.96
N HIS A 555 47.50 20.10 -10.86
CA HIS A 555 46.15 20.65 -10.78
C HIS A 555 46.02 22.10 -10.35
N MET A 556 46.94 22.63 -9.54
CA MET A 556 46.77 24.02 -9.12
C MET A 556 46.73 24.97 -10.31
N GLY A 557 45.75 25.87 -10.30
CA GLY A 557 45.59 26.82 -11.39
C GLY A 557 45.37 26.07 -12.70
N LYS A 558 45.42 24.75 -12.65
CA LYS A 558 45.27 23.91 -13.84
C LYS A 558 43.87 23.29 -14.01
N ASN A 559 43.10 23.22 -12.92
CA ASN A 559 41.75 22.65 -12.90
C ASN A 559 40.93 23.56 -12.00
N ARG A 560 39.74 23.99 -12.43
CA ARG A 560 38.97 24.89 -11.57
C ARG A 560 38.35 24.23 -10.32
N MET A 561 38.46 22.91 -10.22
CA MET A 561 37.91 22.20 -9.06
C MET A 561 38.97 22.15 -7.95
N PHE A 562 40.25 22.10 -8.34
CA PHE A 562 41.35 22.08 -7.39
C PHE A 562 41.67 23.53 -7.05
N THR A 563 41.72 23.85 -5.76
CA THR A 563 41.94 25.23 -5.35
C THR A 563 42.77 25.40 -4.09
N LYS A 564 43.56 26.47 -4.03
CA LYS A 564 44.37 26.75 -2.85
C LYS A 564 43.38 27.07 -1.72
N PRO A 565 43.64 26.54 -0.52
CA PRO A 565 42.77 26.78 0.65
C PRO A 565 42.40 28.25 0.87
N GLY A 566 41.11 28.53 0.83
CA GLY A 566 40.65 29.90 1.03
C GLY A 566 40.82 30.37 2.46
N LYS A 567 40.09 31.41 2.83
CA LYS A 567 40.16 31.95 4.19
C LYS A 567 39.23 31.18 5.12
N PRO A 568 39.75 30.72 6.28
CA PRO A 568 38.98 29.96 7.28
C PRO A 568 37.60 30.58 7.59
N THR A 569 36.54 29.81 7.36
CA THR A 569 35.18 30.27 7.59
C THR A 569 34.45 29.59 8.75
N ARG A 570 35.21 29.09 9.73
CA ARG A 570 34.60 28.43 10.88
C ARG A 570 35.50 28.43 12.12
N PRO A 571 34.90 28.50 13.32
CA PRO A 571 35.62 28.51 14.60
C PRO A 571 36.50 27.27 14.82
N ASN A 572 37.81 27.49 14.90
CA ASN A 572 38.77 26.41 15.13
C ASN A 572 38.80 25.31 14.09
N GLN A 573 39.51 25.53 12.99
CA GLN A 573 39.62 24.51 11.95
C GLN A 573 41.10 24.26 11.66
N GLY A 574 41.49 22.99 11.70
CA GLY A 574 42.88 22.61 11.47
C GLY A 574 43.49 22.93 10.12
N PRO A 575 44.77 22.59 9.92
CA PRO A 575 45.54 22.82 8.70
C PRO A 575 44.84 22.39 7.41
N ALA A 576 45.12 23.11 6.33
CA ALA A 576 44.54 22.81 5.03
C ALA A 576 45.58 22.95 3.93
N HIS A 577 45.58 22.01 3.00
CA HIS A 577 46.55 22.02 1.92
C HIS A 577 45.93 22.23 0.54
N PHE A 578 44.61 22.17 0.43
CA PHE A 578 43.92 22.38 -0.83
C PHE A 578 42.44 22.14 -0.66
N GLU A 579 41.63 22.92 -1.37
CA GLU A 579 40.19 22.79 -1.30
C GLU A 579 39.67 22.08 -2.53
N LEU A 580 38.59 21.33 -2.37
CA LEU A 580 38.00 20.60 -3.47
C LEU A 580 36.56 21.03 -3.64
N HIS A 581 36.20 21.48 -4.84
CA HIS A 581 34.84 21.91 -5.09
C HIS A 581 33.99 20.69 -5.39
N HIS A 582 33.36 20.17 -4.35
CA HIS A 582 32.50 19.02 -4.48
C HIS A 582 31.10 19.53 -4.82
N TYR A 583 30.24 18.65 -5.32
CA TYR A 583 28.88 19.03 -5.68
C TYR A 583 28.14 19.55 -4.45
N ALA A 584 28.38 18.93 -3.31
CA ALA A 584 27.72 19.31 -2.07
C ALA A 584 28.45 20.36 -1.25
N GLY A 585 29.46 20.98 -1.86
CA GLY A 585 30.19 22.01 -1.14
C GLY A 585 31.69 21.93 -1.31
N ASN A 586 32.39 22.96 -0.85
CA ASN A 586 33.85 23.03 -0.95
C ASN A 586 34.49 22.49 0.32
N VAL A 587 35.45 21.60 0.15
CA VAL A 587 36.09 20.97 1.27
C VAL A 587 37.60 21.16 1.39
N PRO A 588 38.06 21.68 2.52
CA PRO A 588 39.47 21.92 2.81
C PRO A 588 40.07 20.60 3.32
N TYR A 589 41.04 20.05 2.61
CA TYR A 589 41.66 18.80 3.06
C TYR A 589 43.08 19.01 3.56
N SER A 590 43.49 18.14 4.47
CA SER A 590 44.82 18.17 5.00
C SER A 590 45.36 16.85 4.51
N ILE A 591 46.50 16.86 3.80
CA ILE A 591 47.06 15.63 3.29
C ILE A 591 48.09 14.98 4.21
N THR A 592 48.11 15.41 5.47
CA THR A 592 49.05 14.86 6.44
C THR A 592 48.79 13.39 6.74
N GLY A 593 49.86 12.59 6.72
CA GLY A 593 49.73 11.17 7.01
C GLY A 593 48.96 10.32 6.02
N TRP A 594 48.71 10.88 4.83
CA TRP A 594 47.99 10.17 3.79
C TRP A 594 48.77 9.02 3.21
N LEU A 595 50.05 9.24 2.95
CA LEU A 595 50.88 8.19 2.38
C LEU A 595 50.82 6.98 3.29
N GLU A 596 50.71 7.23 4.58
CA GLU A 596 50.66 6.17 5.57
C GLU A 596 49.28 5.52 5.61
N LYS A 597 48.24 6.36 5.66
CA LYS A 597 46.88 5.85 5.73
C LYS A 597 46.47 5.07 4.48
N ASN A 598 47.05 5.40 3.33
CA ASN A 598 46.69 4.72 2.10
C ASN A 598 47.21 3.29 2.04
N LYS A 599 48.47 3.08 2.42
CA LYS A 599 49.04 1.75 2.41
C LYS A 599 49.18 1.27 3.84
N ASP A 600 48.55 0.15 4.18
CA ASP A 600 48.63 -0.37 5.54
C ASP A 600 49.68 -1.45 5.75
N PRO A 601 50.75 -1.12 6.49
CA PRO A 601 51.88 -1.98 6.83
C PRO A 601 51.48 -3.30 7.49
N ILE A 602 51.93 -4.41 6.91
CA ILE A 602 51.61 -5.72 7.43
C ILE A 602 52.83 -6.35 8.10
N ASN A 603 52.92 -6.17 9.41
CA ASN A 603 54.03 -6.71 10.22
C ASN A 603 53.93 -8.23 10.28
N GLU A 604 54.49 -8.91 9.28
CA GLU A 604 54.43 -10.37 9.20
C GLU A 604 55.02 -11.07 10.41
N ASN A 605 55.65 -10.30 11.30
CA ASN A 605 56.23 -10.84 12.50
C ASN A 605 55.06 -11.20 13.44
N VAL A 606 54.09 -10.30 13.50
CA VAL A 606 52.91 -10.48 14.36
C VAL A 606 51.80 -11.29 13.68
N VAL A 607 51.69 -11.18 12.37
CA VAL A 607 50.68 -11.92 11.63
C VAL A 607 51.03 -13.40 11.67
N ALA A 608 52.30 -13.68 11.94
CA ALA A 608 52.79 -15.05 12.03
C ALA A 608 52.30 -15.59 13.37
N LEU A 609 52.50 -14.78 14.42
CA LEU A 609 52.08 -15.13 15.77
C LEU A 609 50.59 -15.44 15.76
N LEU A 610 49.79 -14.37 15.60
CA LEU A 610 48.34 -14.48 15.57
C LEU A 610 47.89 -15.61 14.65
N GLY A 611 48.66 -15.83 13.58
CA GLY A 611 48.33 -16.87 12.62
C GLY A 611 48.10 -18.23 13.27
N ALA A 612 49.07 -18.66 14.07
CA ALA A 612 48.95 -19.92 14.78
C ALA A 612 48.53 -19.64 16.23
N SER A 613 47.26 -19.31 16.42
CA SER A 613 46.72 -19.00 17.74
C SER A 613 45.74 -20.08 18.15
N LYS A 614 45.76 -20.47 19.43
CA LYS A 614 44.85 -21.51 19.91
C LYS A 614 43.43 -21.03 19.70
N GLU A 615 43.26 -19.70 19.74
CA GLU A 615 41.96 -19.06 19.54
C GLU A 615 41.49 -19.33 18.11
N PRO A 616 40.35 -20.03 17.94
CA PRO A 616 39.81 -20.35 16.62
C PRO A 616 39.58 -19.14 15.71
N LEU A 617 38.84 -18.16 16.23
CA LEU A 617 38.53 -16.96 15.46
C LEU A 617 39.82 -16.27 15.02
N VAL A 618 40.64 -15.86 15.97
CA VAL A 618 41.90 -15.18 15.64
C VAL A 618 42.72 -15.98 14.64
N ALA A 619 42.68 -17.31 14.78
CA ALA A 619 43.41 -18.18 13.88
C ALA A 619 42.87 -18.02 12.48
N GLU A 620 41.54 -17.85 12.39
CA GLU A 620 40.92 -17.67 11.08
C GLU A 620 41.24 -16.29 10.56
N LEU A 621 41.02 -15.26 11.39
CA LEU A 621 41.30 -13.88 11.00
C LEU A 621 42.71 -13.70 10.47
N PHE A 622 43.60 -14.65 10.74
CA PHE A 622 44.95 -14.54 10.23
C PHE A 622 45.44 -15.82 9.57
N LYS A 623 45.25 -15.88 8.27
CA LYS A 623 45.67 -17.02 7.48
C LYS A 623 46.47 -16.52 6.28
N ALA A 624 47.66 -17.07 6.06
CA ALA A 624 48.48 -16.67 4.92
C ALA A 624 47.82 -17.33 3.72
N PRO A 625 48.29 -18.53 3.34
CA PRO A 625 47.68 -19.25 2.23
C PRO A 625 48.27 -20.60 2.01
N GLU A 626 48.70 -20.76 0.76
CA GLU A 626 49.32 -21.96 0.25
C GLU A 626 50.44 -21.66 -0.75
N GLU A 627 51.01 -22.75 -1.27
CA GLU A 627 52.09 -22.71 -2.23
C GLU A 627 51.53 -23.07 -3.62
N PHE A 642 49.04 -6.34 0.26
CA PHE A 642 47.84 -5.60 -0.10
C PHE A 642 48.21 -4.49 -1.05
N GLN A 643 47.23 -3.98 -1.78
CA GLN A 643 47.56 -2.87 -2.63
C GLN A 643 47.36 -1.69 -1.67
N THR A 644 47.03 -0.55 -2.23
CA THR A 644 46.77 0.62 -1.41
C THR A 644 45.29 0.55 -1.12
N ILE A 645 44.81 1.41 -0.24
CA ILE A 645 43.40 1.39 0.09
C ILE A 645 42.61 2.07 -1.01
N SER A 646 43.17 3.15 -1.54
CA SER A 646 42.51 3.88 -2.61
C SER A 646 42.28 2.96 -3.81
N ALA A 647 43.32 2.21 -4.21
CA ALA A 647 43.19 1.30 -5.35
C ALA A 647 42.00 0.38 -5.10
N VAL A 648 41.96 -0.23 -3.93
CA VAL A 648 40.88 -1.13 -3.53
C VAL A 648 39.52 -0.45 -3.57
N HIS A 649 39.45 0.75 -3.01
CA HIS A 649 38.21 1.51 -2.96
C HIS A 649 37.76 1.92 -4.37
N ARG A 650 38.69 2.43 -5.16
CA ARG A 650 38.40 2.86 -6.53
C ARG A 650 37.86 1.72 -7.37
N GLU A 651 38.41 0.52 -7.17
CA GLU A 651 37.96 -0.63 -7.94
C GLU A 651 36.59 -1.07 -7.45
N SER A 652 36.48 -1.28 -6.15
CA SER A 652 35.24 -1.72 -5.55
C SER A 652 34.06 -0.79 -5.89
N LEU A 653 34.33 0.51 -5.88
CA LEU A 653 33.29 1.48 -6.18
C LEU A 653 32.84 1.34 -7.63
N ASN A 654 33.78 1.07 -8.53
CA ASN A 654 33.44 0.87 -9.94
C ASN A 654 32.69 -0.44 -10.13
N LYS A 655 33.11 -1.50 -9.44
CA LYS A 655 32.44 -2.79 -9.58
C LYS A 655 30.97 -2.63 -9.18
N LEU A 656 30.73 -1.84 -8.15
CA LEU A 656 29.38 -1.61 -7.68
C LEU A 656 28.60 -0.66 -8.59
N MET A 657 29.22 0.45 -8.96
CA MET A 657 28.56 1.42 -9.81
C MET A 657 28.04 0.76 -11.09
N LYS A 658 28.76 -0.25 -11.58
CA LYS A 658 28.34 -0.92 -12.80
C LYS A 658 27.17 -1.86 -12.54
N ASN A 659 27.24 -2.59 -11.44
CA ASN A 659 26.17 -3.52 -11.08
C ASN A 659 24.86 -2.76 -10.98
N LEU A 660 24.94 -1.49 -10.58
CA LEU A 660 23.75 -0.66 -10.44
C LEU A 660 23.14 -0.27 -11.77
N TYR A 661 23.94 -0.23 -12.84
CA TYR A 661 23.39 0.10 -14.16
C TYR A 661 22.56 -1.08 -14.66
N SER A 662 22.84 -2.26 -14.09
CA SER A 662 22.14 -3.49 -14.45
C SER A 662 20.79 -3.57 -13.74
N THR A 663 20.54 -2.63 -12.83
CA THR A 663 19.27 -2.62 -12.10
C THR A 663 18.45 -1.41 -12.50
N HIS A 664 17.27 -1.29 -11.90
CA HIS A 664 16.34 -0.19 -12.14
C HIS A 664 16.39 0.60 -10.83
N PRO A 665 17.04 1.76 -10.82
CA PRO A 665 17.15 2.58 -9.60
C PRO A 665 15.89 3.30 -9.17
N HIS A 666 15.71 3.38 -7.86
CA HIS A 666 14.58 4.06 -7.23
C HIS A 666 15.30 4.95 -6.21
N PHE A 667 15.25 6.25 -6.39
CA PHE A 667 15.95 7.13 -5.46
C PHE A 667 15.19 7.76 -4.31
N VAL A 668 15.80 7.76 -3.13
CA VAL A 668 15.21 8.44 -1.99
C VAL A 668 16.25 9.49 -1.65
N ARG A 669 15.84 10.73 -1.57
CA ARG A 669 16.76 11.82 -1.26
C ARG A 669 16.51 12.28 0.16
N CYS A 670 17.43 11.93 1.05
CA CYS A 670 17.26 12.35 2.42
C CYS A 670 17.74 13.75 2.62
N ILE A 671 17.11 14.44 3.56
CA ILE A 671 17.45 15.82 3.82
C ILE A 671 17.46 16.19 5.30
N ILE A 672 18.58 16.74 5.78
CA ILE A 672 18.70 17.16 7.18
C ILE A 672 18.09 18.58 7.32
N PRO A 673 17.05 18.73 8.14
CA PRO A 673 16.31 19.97 8.41
C PRO A 673 17.10 21.15 8.95
N ASN A 674 17.92 20.91 9.95
CA ASN A 674 18.72 21.95 10.58
C ASN A 674 19.99 21.33 11.16
N GLU A 675 20.76 22.10 11.92
CA GLU A 675 22.01 21.61 12.50
C GLU A 675 21.91 21.35 14.00
N LEU A 676 20.71 21.41 14.54
CA LEU A 676 20.52 21.21 15.96
C LEU A 676 19.86 19.89 16.32
N LYS A 677 19.71 18.99 15.35
CA LYS A 677 19.04 17.71 15.60
C LYS A 677 17.71 18.03 16.30
N GLN A 678 17.05 19.09 15.88
CA GLN A 678 15.81 19.52 16.52
C GLN A 678 14.58 19.25 15.66
N PRO A 679 13.52 18.69 16.25
CA PRO A 679 12.29 18.40 15.48
C PRO A 679 11.53 19.64 15.03
N GLY A 680 11.05 19.63 13.79
CA GLY A 680 10.27 20.74 13.28
C GLY A 680 11.01 22.02 12.90
N LEU A 681 12.29 22.10 13.22
CA LEU A 681 13.05 23.30 12.90
C LEU A 681 13.62 23.22 11.50
N VAL A 682 13.34 24.23 10.69
CA VAL A 682 13.86 24.26 9.33
C VAL A 682 14.86 25.39 9.09
N ASP A 683 16.05 25.02 8.61
CA ASP A 683 17.09 25.98 8.26
C ASP A 683 16.90 26.13 6.75
N ALA A 684 16.15 27.14 6.32
CA ALA A 684 15.87 27.34 4.90
C ALA A 684 17.10 27.31 3.98
N GLU A 685 18.18 27.96 4.41
CA GLU A 685 19.40 28.01 3.60
C GLU A 685 20.04 26.64 3.46
N LEU A 686 19.96 25.85 4.53
CA LEU A 686 20.56 24.51 4.50
C LEU A 686 19.74 23.53 3.62
N VAL A 687 18.42 23.61 3.74
CA VAL A 687 17.56 22.75 2.92
C VAL A 687 17.76 23.11 1.45
N LEU A 688 17.60 24.41 1.13
CA LEU A 688 17.79 24.89 -0.25
C LEU A 688 19.10 24.35 -0.84
N HIS A 689 20.19 24.53 -0.10
CA HIS A 689 21.50 24.07 -0.52
C HIS A 689 21.45 22.58 -0.89
N GLN A 690 20.72 21.80 -0.11
CA GLN A 690 20.58 20.38 -0.36
C GLN A 690 19.69 20.12 -1.57
N LEU A 691 18.61 20.86 -1.72
CA LEU A 691 17.72 20.67 -2.87
C LEU A 691 18.51 20.97 -4.15
N GLN A 692 19.39 21.97 -4.06
CA GLN A 692 20.20 22.40 -5.20
C GLN A 692 21.20 21.38 -5.70
N CYS A 693 22.16 21.01 -4.87
CA CYS A 693 23.16 20.03 -5.31
C CYS A 693 22.53 18.66 -5.63
N ASN A 694 21.39 18.38 -5.02
CA ASN A 694 20.70 17.14 -5.26
C ASN A 694 20.10 17.12 -6.66
N GLY A 695 19.64 18.29 -7.11
CA GLY A 695 19.08 18.37 -8.44
C GLY A 695 17.59 18.11 -8.40
N VAL A 696 16.99 18.36 -7.24
CA VAL A 696 15.56 18.12 -7.11
C VAL A 696 14.82 18.87 -8.21
N LEU A 697 14.93 20.20 -8.21
CA LEU A 697 14.26 21.02 -9.23
C LEU A 697 14.47 20.49 -10.66
N GLU A 698 15.70 20.16 -11.01
CA GLU A 698 15.96 19.62 -12.34
C GLU A 698 15.17 18.33 -12.55
N GLY A 699 15.22 17.43 -11.56
CA GLY A 699 14.52 16.16 -11.64
C GLY A 699 13.04 16.33 -11.91
N ILE A 700 12.43 17.32 -11.26
CA ILE A 700 11.01 17.57 -11.46
C ILE A 700 10.75 18.16 -12.85
N ARG A 701 11.73 18.86 -13.40
CA ARG A 701 11.54 19.44 -14.72
C ARG A 701 11.54 18.41 -15.85
N ILE A 702 12.52 17.50 -15.84
CA ILE A 702 12.62 16.44 -16.85
C ILE A 702 11.38 15.54 -16.76
N CYS A 703 10.77 15.48 -15.58
CA CYS A 703 9.58 14.67 -15.35
C CYS A 703 8.39 15.31 -16.06
N ARG A 704 8.34 16.63 -16.06
CA ARG A 704 7.24 17.31 -16.72
C ARG A 704 7.53 17.77 -18.13
N LYS A 705 8.79 17.66 -18.52
CA LYS A 705 9.17 18.06 -19.86
C LYS A 705 9.20 16.82 -20.74
N GLY A 706 9.50 15.67 -20.13
CA GLY A 706 9.58 14.43 -20.87
C GLY A 706 8.39 13.51 -20.68
N PHE A 707 8.65 12.21 -20.77
CA PHE A 707 7.61 11.20 -20.63
C PHE A 707 8.11 10.21 -19.61
N PRO A 708 7.91 10.51 -18.32
CA PRO A 708 8.36 9.65 -17.23
C PRO A 708 7.82 8.22 -17.28
N SER A 709 6.55 8.07 -17.64
CA SER A 709 5.96 6.74 -17.73
C SER A 709 6.22 6.13 -19.09
N ARG A 710 6.55 4.85 -19.07
CA ARG A 710 6.81 4.08 -20.27
C ARG A 710 6.43 2.65 -19.93
N LEU A 711 5.85 1.96 -20.89
CA LEU A 711 5.41 0.60 -20.69
C LEU A 711 5.74 -0.22 -21.93
N ILE A 712 6.30 -1.42 -21.74
CA ILE A 712 6.60 -2.28 -22.87
C ILE A 712 5.22 -2.69 -23.40
N TYR A 713 5.05 -2.73 -24.72
CA TYR A 713 3.74 -3.07 -25.30
C TYR A 713 3.12 -4.36 -24.78
N SER A 714 3.95 -5.34 -24.46
CA SER A 714 3.47 -6.60 -23.91
C SER A 714 2.61 -6.30 -22.68
N GLU A 715 3.23 -5.64 -21.69
CA GLU A 715 2.57 -5.26 -20.44
C GLU A 715 1.40 -4.31 -20.61
N PHE A 716 1.50 -3.37 -21.55
CA PHE A 716 0.39 -2.43 -21.75
C PHE A 716 -0.87 -3.16 -22.18
N LYS A 717 -0.72 -4.08 -23.11
CA LYS A 717 -1.84 -4.85 -23.60
C LYS A 717 -2.62 -5.54 -22.49
N GLN A 718 -1.95 -6.43 -21.77
CA GLN A 718 -2.63 -7.20 -20.72
C GLN A 718 -3.19 -6.39 -19.57
N ARG A 719 -2.65 -5.21 -19.35
CA ARG A 719 -3.13 -4.39 -18.25
C ARG A 719 -4.31 -3.52 -18.64
N TYR A 720 -4.33 -3.04 -19.88
CA TYR A 720 -5.40 -2.15 -20.30
C TYR A 720 -6.34 -2.56 -21.46
N SER A 721 -6.22 -3.79 -21.96
CA SER A 721 -7.15 -4.21 -23.01
C SER A 721 -8.57 -3.99 -22.47
N ILE A 722 -8.78 -4.25 -21.18
CA ILE A 722 -10.08 -4.08 -20.51
C ILE A 722 -10.64 -2.67 -20.65
N LEU A 723 -9.81 -1.73 -21.05
CA LEU A 723 -10.26 -0.35 -21.21
C LEU A 723 -10.93 -0.14 -22.58
N ALA A 724 -10.94 -1.22 -23.37
CA ALA A 724 -11.54 -1.23 -24.69
C ALA A 724 -11.66 -2.69 -25.14
N PRO A 725 -12.51 -3.48 -24.44
CA PRO A 725 -12.70 -4.90 -24.78
C PRO A 725 -13.28 -4.98 -26.17
N ASN A 726 -13.87 -3.86 -26.58
CA ASN A 726 -14.50 -3.69 -27.87
C ASN A 726 -14.05 -4.74 -28.89
N ALA A 727 -12.74 -4.81 -29.13
CA ALA A 727 -12.17 -5.77 -30.07
C ALA A 727 -12.10 -7.18 -29.49
N ILE A 728 -11.11 -7.95 -29.93
CA ILE A 728 -10.88 -9.33 -29.47
C ILE A 728 -11.67 -10.37 -30.29
N PRO A 729 -11.31 -10.56 -31.57
CA PRO A 729 -12.02 -11.53 -32.41
C PRO A 729 -12.01 -12.95 -31.80
N PHE A 732 -2.86 -15.02 -31.57
CA PHE A 732 -2.64 -13.76 -30.86
C PHE A 732 -2.32 -12.62 -31.82
N VAL A 733 -2.49 -11.39 -31.33
CA VAL A 733 -2.21 -10.18 -32.10
C VAL A 733 -1.04 -9.46 -31.45
N ASP A 734 -0.11 -8.96 -32.27
CA ASP A 734 1.07 -8.28 -31.75
C ASP A 734 0.72 -7.21 -30.73
N GLY A 735 1.66 -6.95 -29.83
CA GLY A 735 1.46 -5.98 -28.76
C GLY A 735 1.28 -4.53 -29.14
N LYS A 736 2.09 -4.04 -30.06
CA LYS A 736 2.00 -2.64 -30.46
C LYS A 736 0.65 -2.26 -31.08
N THR A 737 0.19 -3.05 -32.05
CA THR A 737 -1.08 -2.79 -32.72
C THR A 737 -2.23 -2.71 -31.72
N VAL A 738 -2.29 -3.68 -30.81
CA VAL A 738 -3.33 -3.69 -29.80
C VAL A 738 -3.22 -2.42 -28.95
N SER A 739 -1.99 -2.08 -28.59
CA SER A 739 -1.73 -0.90 -27.77
C SER A 739 -2.19 0.34 -28.52
N GLU A 740 -2.04 0.31 -29.84
CA GLU A 740 -2.45 1.45 -30.63
C GLU A 740 -3.98 1.61 -30.67
N LYS A 741 -4.71 0.50 -30.87
CA LYS A 741 -6.18 0.54 -30.92
C LYS A 741 -6.80 1.04 -29.63
N ILE A 742 -6.22 0.66 -28.49
CA ILE A 742 -6.77 1.10 -27.22
C ILE A 742 -6.61 2.59 -27.01
N LEU A 743 -5.40 3.09 -27.22
CA LEU A 743 -5.13 4.52 -27.05
C LEU A 743 -5.90 5.36 -28.06
N ALA A 744 -5.98 4.85 -29.29
CA ALA A 744 -6.71 5.53 -30.36
C ALA A 744 -8.18 5.60 -29.96
N GLY A 745 -8.75 4.43 -29.66
CA GLY A 745 -10.14 4.35 -29.26
C GLY A 745 -10.48 5.01 -27.94
N LEU A 746 -9.47 5.41 -27.17
CA LEU A 746 -9.73 6.06 -25.88
C LEU A 746 -9.77 7.57 -26.04
N GLN A 747 -9.53 8.03 -27.28
CA GLN A 747 -9.52 9.45 -27.58
C GLN A 747 -8.41 10.14 -26.80
N MET A 748 -7.25 9.48 -26.68
CA MET A 748 -6.14 10.08 -25.93
C MET A 748 -5.39 11.08 -26.79
N ASP A 749 -5.32 12.31 -26.29
CA ASP A 749 -4.63 13.41 -26.96
C ASP A 749 -3.26 12.91 -27.41
N PRO A 750 -3.01 12.89 -28.74
CA PRO A 750 -1.73 12.43 -29.29
C PRO A 750 -0.50 13.08 -28.66
N ALA A 751 -0.72 14.20 -27.98
CA ALA A 751 0.36 14.91 -27.32
C ALA A 751 0.77 14.25 -26.00
N GLU A 752 -0.20 13.61 -25.33
CA GLU A 752 0.04 12.94 -24.05
C GLU A 752 0.85 11.65 -24.08
N TYR A 753 1.18 11.14 -25.27
CA TYR A 753 1.95 9.92 -25.33
C TYR A 753 2.69 9.80 -26.66
N ARG A 754 3.56 8.80 -26.76
CA ARG A 754 4.34 8.57 -27.98
C ARG A 754 4.47 7.08 -28.14
N LEU A 755 4.31 6.59 -29.37
CA LEU A 755 4.45 5.17 -29.57
C LEU A 755 5.91 4.90 -29.90
N GLY A 756 6.59 4.21 -28.98
CA GLY A 756 7.99 3.92 -29.18
C GLY A 756 8.14 2.75 -30.12
N THR A 757 9.37 2.27 -30.28
CA THR A 757 9.61 1.14 -31.15
C THR A 757 9.52 -0.11 -30.30
N THR A 758 9.29 0.07 -29.01
CA THR A 758 9.22 -1.04 -28.08
C THR A 758 8.33 -0.74 -26.88
N LYS A 759 8.35 0.51 -26.46
CA LYS A 759 7.56 0.91 -25.31
C LYS A 759 6.69 2.08 -25.71
N VAL A 760 5.61 2.30 -24.98
CA VAL A 760 4.74 3.43 -25.24
C VAL A 760 5.04 4.39 -24.07
N PHE A 761 5.37 5.64 -24.38
CA PHE A 761 5.69 6.63 -23.36
C PHE A 761 4.51 7.55 -23.06
N PHE A 762 4.37 7.92 -21.80
CA PHE A 762 3.27 8.78 -21.38
C PHE A 762 3.78 9.99 -20.65
N LYS A 763 3.04 11.09 -20.77
CA LYS A 763 3.38 12.31 -20.08
C LYS A 763 3.08 12.04 -18.62
N ALA A 764 3.58 12.90 -17.74
CA ALA A 764 3.32 12.72 -16.34
C ALA A 764 1.84 12.93 -16.11
N GLY A 765 1.25 12.09 -15.25
CA GLY A 765 -0.16 12.19 -14.94
C GLY A 765 -1.05 11.23 -15.72
N VAL A 766 -0.72 11.01 -16.99
CA VAL A 766 -1.52 10.15 -17.85
C VAL A 766 -1.77 8.74 -17.37
N LEU A 767 -0.72 7.93 -17.30
CA LEU A 767 -0.80 6.54 -16.87
C LEU A 767 -1.55 6.33 -15.55
N GLY A 768 -1.61 7.37 -14.73
CA GLY A 768 -2.30 7.29 -13.45
C GLY A 768 -3.81 7.41 -13.60
N ASN A 769 -4.29 8.07 -14.66
CA ASN A 769 -5.73 8.22 -14.90
C ASN A 769 -6.21 6.95 -15.56
N LEU A 770 -5.35 6.35 -16.38
CA LEU A 770 -5.71 5.11 -17.03
C LEU A 770 -5.88 4.08 -15.93
N GLU A 771 -5.04 4.16 -14.90
CA GLU A 771 -5.17 3.23 -13.80
C GLU A 771 -6.52 3.47 -13.15
N GLU A 772 -6.93 4.74 -13.05
CA GLU A 772 -8.22 5.05 -12.43
C GLU A 772 -9.36 4.52 -13.29
N MET A 773 -9.30 4.79 -14.60
CA MET A 773 -10.33 4.30 -15.51
C MET A 773 -10.39 2.79 -15.41
N ARG A 774 -9.24 2.13 -15.49
CA ARG A 774 -9.21 0.68 -15.41
C ARG A 774 -9.87 0.18 -14.13
N ASP A 775 -9.82 0.99 -13.07
CA ASP A 775 -10.47 0.62 -11.82
C ASP A 775 -11.95 0.94 -11.89
N GLU A 776 -12.31 2.05 -12.52
CA GLU A 776 -13.70 2.43 -12.67
C GLU A 776 -14.33 1.29 -13.45
N ARG A 777 -13.68 0.91 -14.52
CA ARG A 777 -14.12 -0.19 -15.38
C ARG A 777 -14.36 -1.48 -14.59
N LEU A 778 -13.38 -1.90 -13.80
CA LEU A 778 -13.47 -3.10 -12.98
C LEU A 778 -14.65 -3.04 -12.00
N SER A 779 -14.88 -1.87 -11.44
CA SER A 779 -15.96 -1.74 -10.50
C SER A 779 -17.28 -1.84 -11.26
N LYS A 780 -17.28 -1.46 -12.53
CA LYS A 780 -18.48 -1.50 -13.34
C LYS A 780 -18.77 -2.93 -13.75
N ILE A 781 -17.75 -3.61 -14.28
CA ILE A 781 -17.92 -4.99 -14.69
C ILE A 781 -18.40 -5.79 -13.48
N ILE A 782 -17.85 -5.51 -12.30
CA ILE A 782 -18.29 -6.22 -11.12
C ILE A 782 -19.74 -5.90 -10.85
N SER A 783 -20.12 -4.62 -10.93
CA SER A 783 -21.53 -4.29 -10.67
C SER A 783 -22.45 -4.93 -11.72
N MET A 784 -21.95 -5.16 -12.92
CA MET A 784 -22.78 -5.79 -13.96
C MET A 784 -22.95 -7.26 -13.63
N PHE A 785 -21.90 -7.91 -13.15
CA PHE A 785 -22.02 -9.31 -12.80
C PHE A 785 -22.99 -9.44 -11.65
N GLN A 786 -23.06 -8.41 -10.81
CA GLN A 786 -23.96 -8.41 -9.67
C GLN A 786 -25.41 -8.24 -10.12
N ALA A 787 -25.61 -7.45 -11.19
CA ALA A 787 -26.95 -7.22 -11.72
C ALA A 787 -27.39 -8.50 -12.42
N HIS A 788 -26.43 -9.24 -12.95
CA HIS A 788 -26.81 -10.47 -13.61
C HIS A 788 -27.34 -11.41 -12.54
N ILE A 789 -26.70 -11.40 -11.38
CA ILE A 789 -27.14 -12.25 -10.27
C ILE A 789 -28.53 -11.82 -9.81
N ARG A 790 -28.72 -10.51 -9.60
CA ARG A 790 -30.01 -10.01 -9.17
C ARG A 790 -31.06 -10.41 -10.17
N GLY A 791 -30.69 -10.42 -11.45
CA GLY A 791 -31.63 -10.77 -12.49
C GLY A 791 -31.96 -12.25 -12.57
N TYR A 792 -31.09 -13.09 -12.02
CA TYR A 792 -31.26 -14.54 -12.00
C TYR A 792 -32.16 -14.93 -10.82
N LEU A 793 -31.98 -14.26 -9.70
CA LEU A 793 -32.78 -14.56 -8.53
C LEU A 793 -34.25 -14.32 -8.82
N ILE A 794 -34.52 -13.24 -9.55
CA ILE A 794 -35.86 -12.86 -9.92
C ILE A 794 -36.43 -13.84 -10.94
N ARG A 795 -35.72 -14.02 -12.03
CA ARG A 795 -36.18 -14.92 -13.07
C ARG A 795 -36.44 -16.32 -12.52
N LYS A 796 -35.90 -16.63 -11.35
CA LYS A 796 -36.11 -17.94 -10.75
C LYS A 796 -37.44 -17.99 -10.03
N ALA A 797 -37.79 -16.88 -9.38
CA ALA A 797 -39.02 -16.76 -8.63
C ALA A 797 -40.17 -16.28 -9.50
N TYR A 798 -39.98 -16.32 -10.81
CA TYR A 798 -41.04 -15.86 -11.68
C TYR A 798 -42.18 -16.88 -11.77
N LYS A 799 -41.86 -18.10 -12.18
CA LYS A 799 -42.85 -19.17 -12.31
C LYS A 799 -43.78 -19.21 -11.09
N LYS A 800 -43.19 -19.28 -9.91
CA LYS A 800 -43.95 -19.33 -8.68
C LYS A 800 -44.85 -18.10 -8.49
N LEU A 801 -44.33 -16.92 -8.83
CA LEU A 801 -45.10 -15.70 -8.66
C LEU A 801 -46.38 -15.72 -9.47
N GLN A 802 -46.31 -16.22 -10.70
CA GLN A 802 -47.52 -16.26 -11.52
C GLN A 802 -48.43 -17.42 -11.10
N ASP A 803 -47.85 -18.49 -10.55
CA ASP A 803 -48.65 -19.63 -10.07
C ASP A 803 -49.33 -19.23 -8.77
N GLN A 804 -48.72 -18.28 -8.06
CA GLN A 804 -49.29 -17.81 -6.81
C GLN A 804 -50.35 -16.76 -7.12
N ARG A 805 -50.37 -16.24 -8.35
CA ARG A 805 -51.38 -15.25 -8.70
C ARG A 805 -52.68 -16.03 -8.85
N ILE A 806 -52.58 -17.20 -9.47
CA ILE A 806 -53.73 -18.08 -9.64
C ILE A 806 -54.26 -18.43 -8.24
N GLY A 807 -53.35 -18.95 -7.40
CA GLY A 807 -53.72 -19.32 -6.05
C GLY A 807 -54.41 -18.23 -5.25
N LEU A 808 -53.90 -16.99 -5.32
CA LEU A 808 -54.52 -15.91 -4.56
C LEU A 808 -55.84 -15.44 -5.14
N SER A 809 -55.97 -15.45 -6.47
CA SER A 809 -57.22 -15.02 -7.06
C SER A 809 -58.31 -16.01 -6.62
N VAL A 810 -57.97 -17.30 -6.57
CA VAL A 810 -58.90 -18.34 -6.14
C VAL A 810 -59.27 -18.16 -4.68
N ILE A 811 -58.28 -17.87 -3.85
CA ILE A 811 -58.52 -17.71 -2.43
C ILE A 811 -59.37 -16.49 -2.14
N GLN A 812 -59.06 -15.36 -2.76
CA GLN A 812 -59.83 -14.14 -2.52
C GLN A 812 -61.24 -14.21 -3.09
N ARG A 813 -61.43 -15.01 -4.13
CA ARG A 813 -62.72 -15.12 -4.77
C ARG A 813 -63.67 -16.00 -3.96
N ASN A 814 -63.18 -17.14 -3.50
CA ASN A 814 -64.00 -18.05 -2.70
C ASN A 814 -64.29 -17.54 -1.29
N ILE A 815 -63.50 -16.59 -0.82
CA ILE A 815 -63.73 -16.04 0.51
C ILE A 815 -64.76 -14.95 0.37
N ARG A 816 -64.81 -14.34 -0.80
CA ARG A 816 -65.81 -13.31 -1.04
C ARG A 816 -67.21 -13.94 -1.20
N LYS A 817 -67.29 -15.08 -1.88
CA LYS A 817 -68.57 -15.74 -2.04
C LYS A 817 -69.08 -16.08 -0.63
N TRP A 818 -68.26 -16.82 0.11
CA TRP A 818 -68.59 -17.21 1.46
C TRP A 818 -69.14 -16.06 2.31
N LEU A 819 -68.53 -14.88 2.18
CA LEU A 819 -68.98 -13.72 2.95
C LEU A 819 -70.33 -13.22 2.48
N VAL A 820 -70.45 -12.97 1.18
CA VAL A 820 -71.70 -12.48 0.63
C VAL A 820 -72.85 -13.38 1.03
N LEU A 821 -72.59 -14.69 1.04
CA LEU A 821 -73.60 -15.69 1.42
C LEU A 821 -73.96 -15.59 2.89
N ARG A 822 -73.03 -15.92 3.77
CA ARG A 822 -73.28 -15.86 5.21
C ARG A 822 -73.95 -14.56 5.64
N ASN A 823 -73.91 -13.55 4.78
CA ASN A 823 -74.51 -12.26 5.11
C ASN A 823 -75.72 -11.92 4.26
N TRP A 824 -76.26 -12.94 3.60
CA TRP A 824 -77.42 -12.76 2.75
C TRP A 824 -78.71 -12.97 3.52
N GLN A 825 -79.55 -11.94 3.57
CA GLN A 825 -80.83 -12.05 4.26
C GLN A 825 -81.51 -13.39 3.96
N TRP A 826 -81.60 -13.72 2.67
CA TRP A 826 -82.23 -14.98 2.24
C TRP A 826 -81.58 -16.21 2.85
N TRP A 827 -80.25 -16.25 2.83
CA TRP A 827 -79.54 -17.39 3.40
C TRP A 827 -79.77 -17.42 4.91
N LYS A 828 -79.93 -16.24 5.50
CA LYS A 828 -80.17 -16.15 6.94
C LYS A 828 -81.63 -16.46 7.24
N LEU A 829 -82.24 -17.20 6.33
CA LEU A 829 -83.63 -17.61 6.46
C LEU A 829 -83.69 -19.08 6.05
N TYR A 830 -82.99 -19.40 4.96
CA TYR A 830 -82.98 -20.78 4.48
C TYR A 830 -82.34 -21.65 5.56
N SER A 831 -81.57 -21.03 6.46
CA SER A 831 -80.90 -21.74 7.53
C SER A 831 -81.77 -21.87 8.78
N LYS A 832 -82.74 -20.98 8.92
CA LYS A 832 -83.66 -21.01 10.06
C LYS A 832 -84.79 -21.99 9.76
N VAL A 833 -85.11 -22.15 8.48
CA VAL A 833 -86.16 -23.06 8.06
C VAL A 833 -85.57 -24.44 7.77
N LYS A 834 -84.40 -24.45 7.13
CA LYS A 834 -83.71 -25.69 6.78
C LYS A 834 -83.85 -26.78 7.84
N PRO A 835 -83.63 -26.42 9.12
CA PRO A 835 -83.75 -27.38 10.23
C PRO A 835 -85.03 -28.20 10.22
N LEU A 836 -86.17 -27.54 10.37
CA LEU A 836 -87.46 -28.22 10.43
C LEU A 836 -88.17 -28.46 9.10
N LEU A 837 -87.54 -29.23 8.22
CA LEU A 837 -88.12 -29.55 6.92
C LEU A 837 -88.35 -31.06 6.80
N LEU B 12 -77.35 -27.85 -10.24
CA LEU B 12 -77.65 -28.11 -8.79
C LEU B 12 -78.40 -29.44 -8.66
N PRO B 13 -77.87 -30.38 -7.85
CA PRO B 13 -78.44 -31.71 -7.59
C PRO B 13 -79.96 -31.72 -7.43
N GLN B 14 -80.55 -32.91 -7.50
CA GLN B 14 -82.00 -33.01 -7.34
C GLN B 14 -82.44 -32.95 -5.88
N LYS B 15 -81.76 -33.71 -5.02
CA LYS B 15 -82.09 -33.73 -3.59
C LYS B 15 -82.02 -32.31 -3.05
N GLN B 16 -81.21 -31.50 -3.71
CA GLN B 16 -81.02 -30.10 -3.33
C GLN B 16 -82.27 -29.30 -3.67
N ILE B 17 -82.81 -29.53 -4.87
CA ILE B 17 -84.01 -28.82 -5.32
C ILE B 17 -85.21 -29.18 -4.44
N GLN B 18 -85.24 -30.43 -3.99
CA GLN B 18 -86.33 -30.91 -3.15
C GLN B 18 -86.39 -30.15 -1.82
N GLU B 19 -85.23 -29.79 -1.28
CA GLU B 19 -85.16 -29.05 -0.02
C GLU B 19 -85.56 -27.60 -0.23
N MET B 20 -85.22 -27.06 -1.40
CA MET B 20 -85.54 -25.68 -1.74
C MET B 20 -87.05 -25.50 -1.85
N LYS B 21 -87.74 -26.54 -2.30
CA LYS B 21 -89.18 -26.50 -2.44
C LYS B 21 -89.83 -26.40 -1.07
N GLU B 22 -89.69 -27.46 -0.28
CA GLU B 22 -90.24 -27.50 1.07
C GLU B 22 -89.95 -26.21 1.81
N ALA B 23 -88.74 -25.69 1.61
CA ALA B 23 -88.34 -24.44 2.24
C ALA B 23 -89.25 -23.34 1.71
N PHE B 24 -89.36 -23.26 0.38
CA PHE B 24 -90.21 -22.25 -0.24
C PHE B 24 -91.67 -22.41 0.19
N SER B 25 -92.08 -23.66 0.40
CA SER B 25 -93.43 -23.94 0.83
C SER B 25 -93.66 -23.39 2.24
N MET B 26 -92.62 -23.49 3.08
CA MET B 26 -92.72 -23.00 4.44
C MET B 26 -92.60 -21.49 4.53
N ILE B 27 -91.92 -20.87 3.58
CA ILE B 27 -91.76 -19.42 3.61
C ILE B 27 -93.00 -18.72 3.06
N ASP B 28 -93.67 -19.35 2.09
CA ASP B 28 -94.87 -18.77 1.51
C ASP B 28 -96.07 -19.10 2.40
N VAL B 29 -96.33 -18.22 3.37
CA VAL B 29 -97.42 -18.37 4.33
C VAL B 29 -98.80 -18.41 3.68
N ASP B 30 -99.22 -17.30 3.10
CA ASP B 30 -100.54 -17.22 2.46
C ASP B 30 -100.77 -18.25 1.35
N ARG B 31 -99.78 -19.11 1.11
CA ARG B 31 -99.87 -20.17 0.12
C ARG B 31 -100.23 -19.72 -1.30
N ASP B 32 -100.07 -18.42 -1.56
CA ASP B 32 -100.38 -17.85 -2.87
C ASP B 32 -99.35 -18.10 -3.97
N GLY B 33 -98.45 -19.06 -3.77
CA GLY B 33 -97.44 -19.36 -4.77
C GLY B 33 -96.31 -18.36 -4.94
N PHE B 34 -96.46 -17.18 -4.34
CA PHE B 34 -95.43 -16.14 -4.42
C PHE B 34 -95.01 -15.69 -3.01
N VAL B 35 -93.75 -15.29 -2.85
CA VAL B 35 -93.25 -14.82 -1.55
C VAL B 35 -93.30 -13.29 -1.48
N SER B 36 -93.88 -12.75 -0.41
CA SER B 36 -94.00 -11.30 -0.25
C SER B 36 -93.34 -10.80 1.04
N LYS B 37 -93.49 -9.50 1.32
CA LYS B 37 -92.93 -8.90 2.52
C LYS B 37 -93.73 -9.31 3.75
N GLU B 38 -94.98 -9.74 3.54
CA GLU B 38 -95.84 -10.16 4.64
C GLU B 38 -95.52 -11.58 5.09
N ASP B 39 -95.17 -12.44 4.13
CA ASP B 39 -94.83 -13.83 4.43
C ASP B 39 -93.49 -13.94 5.14
N ILE B 40 -92.50 -13.26 4.60
CA ILE B 40 -91.17 -13.28 5.18
C ILE B 40 -91.29 -12.85 6.63
N LYS B 41 -91.86 -11.67 6.84
CA LYS B 41 -92.03 -11.13 8.18
C LYS B 41 -92.71 -12.14 9.10
N ALA B 42 -93.83 -12.68 8.66
CA ALA B 42 -94.58 -13.65 9.45
C ALA B 42 -93.78 -14.88 9.89
N ILE B 43 -93.15 -15.56 8.94
CA ILE B 43 -92.38 -16.74 9.30
C ILE B 43 -91.07 -16.35 9.98
N SER B 44 -90.62 -15.13 9.73
CA SER B 44 -89.38 -14.66 10.35
C SER B 44 -89.64 -14.36 11.82
N GLU B 45 -90.83 -13.85 12.12
CA GLU B 45 -91.18 -13.51 13.49
C GLU B 45 -91.36 -14.75 14.37
N GLN B 46 -91.83 -15.83 13.78
CA GLN B 46 -92.05 -17.07 14.51
C GLN B 46 -90.72 -17.73 14.84
N LEU B 47 -89.64 -17.20 14.26
CA LEU B 47 -88.30 -17.75 14.50
C LEU B 47 -87.38 -16.73 15.18
N GLY B 48 -87.95 -15.63 15.63
CA GLY B 48 -87.10 -14.67 16.31
C GLY B 48 -87.09 -13.22 15.89
N ARG B 49 -86.68 -12.90 14.68
CA ARG B 49 -86.66 -11.50 14.41
C ARG B 49 -86.93 -10.97 13.05
N ALA B 50 -88.03 -10.23 13.00
CA ALA B 50 -88.51 -9.61 11.80
C ALA B 50 -87.53 -8.70 11.14
N PRO B 51 -86.99 -9.15 10.01
CA PRO B 51 -86.06 -8.29 9.30
C PRO B 51 -87.07 -7.17 9.14
N ASP B 52 -86.69 -5.93 9.30
CA ASP B 52 -87.73 -4.91 9.26
C ASP B 52 -88.13 -4.46 7.82
N ASP B 53 -89.28 -3.79 7.63
CA ASP B 53 -89.72 -3.37 6.27
C ASP B 53 -88.55 -2.72 5.53
N LYS B 54 -87.62 -2.16 6.28
CA LYS B 54 -86.45 -1.51 5.71
C LYS B 54 -85.67 -2.54 4.89
N GLU B 55 -85.28 -3.64 5.53
CA GLU B 55 -84.52 -4.69 4.87
C GLU B 55 -85.41 -5.58 3.99
N LEU B 56 -86.66 -5.78 4.39
CA LEU B 56 -87.59 -6.62 3.64
C LEU B 56 -87.73 -6.23 2.16
N THR B 57 -87.79 -4.93 1.89
CA THR B 57 -87.91 -4.47 0.51
C THR B 57 -86.75 -4.97 -0.32
N ALA B 58 -85.54 -4.71 0.17
CA ALA B 58 -84.32 -5.12 -0.51
C ALA B 58 -84.32 -6.59 -0.87
N MET B 59 -84.84 -7.43 0.02
CA MET B 59 -84.92 -8.87 -0.23
C MET B 59 -85.70 -9.16 -1.51
N LEU B 60 -86.83 -8.47 -1.67
CA LEU B 60 -87.67 -8.64 -2.84
C LEU B 60 -87.12 -7.81 -4.00
N LYS B 61 -86.14 -6.97 -3.71
CA LYS B 61 -85.49 -6.14 -4.72
C LYS B 61 -84.41 -6.93 -5.44
N GLU B 62 -84.15 -8.15 -4.97
CA GLU B 62 -83.14 -9.00 -5.57
C GLU B 62 -83.69 -9.91 -6.64
N ALA B 63 -84.96 -9.72 -7.00
CA ALA B 63 -85.59 -10.54 -8.03
C ALA B 63 -86.15 -9.62 -9.11
N PRO B 64 -85.81 -9.86 -10.38
CA PRO B 64 -86.29 -9.06 -11.50
C PRO B 64 -87.78 -8.72 -11.42
N GLY B 65 -88.62 -9.73 -11.27
CA GLY B 65 -90.05 -9.51 -11.16
C GLY B 65 -90.67 -10.29 -10.01
N PRO B 66 -91.81 -10.96 -10.23
CA PRO B 66 -92.48 -11.73 -9.17
C PRO B 66 -91.51 -12.74 -8.54
N LEU B 67 -91.74 -13.08 -7.29
CA LEU B 67 -90.87 -14.03 -6.60
C LEU B 67 -91.49 -15.40 -6.34
N ASN B 68 -91.56 -16.21 -7.40
CA ASN B 68 -92.11 -17.55 -7.31
C ASN B 68 -90.97 -18.55 -7.21
N PHE B 69 -91.29 -19.80 -6.90
CA PHE B 69 -90.26 -20.82 -6.75
C PHE B 69 -89.19 -20.84 -7.84
N THR B 70 -89.54 -20.43 -9.06
CA THR B 70 -88.56 -20.42 -10.13
C THR B 70 -87.49 -19.37 -9.83
N MET B 71 -87.92 -18.14 -9.52
CA MET B 71 -86.98 -17.07 -9.20
C MET B 71 -86.16 -17.45 -7.96
N PHE B 72 -86.86 -17.79 -6.88
CA PHE B 72 -86.25 -18.22 -5.61
C PHE B 72 -85.02 -19.10 -5.88
N LEU B 73 -85.26 -20.24 -6.54
CA LEU B 73 -84.19 -21.20 -6.85
C LEU B 73 -83.15 -20.63 -7.82
N SER B 74 -83.50 -19.54 -8.48
CA SER B 74 -82.56 -18.91 -9.40
C SER B 74 -81.60 -18.04 -8.60
N ILE B 75 -82.14 -17.12 -7.80
CA ILE B 75 -81.31 -16.23 -7.00
C ILE B 75 -80.41 -17.00 -6.03
N PHE B 76 -80.75 -18.25 -5.74
CA PHE B 76 -79.93 -19.06 -4.85
C PHE B 76 -78.74 -19.68 -5.57
N SER B 77 -78.89 -19.96 -6.86
CA SER B 77 -77.78 -20.55 -7.63
C SER B 77 -76.76 -19.47 -7.94
N ASP B 78 -77.24 -18.28 -8.28
CA ASP B 78 -76.35 -17.16 -8.57
C ASP B 78 -75.44 -16.96 -7.38
N LYS B 79 -76.06 -16.82 -6.22
CA LYS B 79 -75.39 -16.59 -4.96
C LYS B 79 -75.01 -17.89 -4.27
N LEU B 80 -74.43 -18.83 -5.01
CA LEU B 80 -74.04 -20.11 -4.42
C LEU B 80 -73.32 -21.01 -5.42
N SER B 81 -73.24 -20.54 -6.66
CA SER B 81 -72.53 -21.27 -7.71
C SER B 81 -71.47 -20.34 -8.29
N GLY B 82 -70.33 -20.91 -8.62
CA GLY B 82 -69.25 -20.09 -9.15
C GLY B 82 -68.18 -20.06 -8.09
N THR B 83 -68.00 -21.20 -7.43
CA THR B 83 -66.99 -21.38 -6.39
C THR B 83 -66.06 -22.51 -6.82
N ASP B 84 -65.15 -22.92 -5.94
CA ASP B 84 -64.21 -23.99 -6.26
C ASP B 84 -64.34 -25.14 -5.26
N SER B 85 -63.82 -26.30 -5.63
CA SER B 85 -63.88 -27.45 -4.75
C SER B 85 -62.98 -27.25 -3.55
N GLU B 86 -63.35 -27.88 -2.44
CA GLU B 86 -62.57 -27.75 -1.22
C GLU B 86 -61.12 -28.13 -1.49
N GLU B 87 -60.87 -28.81 -2.61
CA GLU B 87 -59.52 -29.23 -2.93
C GLU B 87 -58.74 -28.20 -3.74
N THR B 88 -59.47 -27.32 -4.43
CA THR B 88 -58.84 -26.28 -5.24
C THR B 88 -58.39 -25.12 -4.34
N ILE B 89 -59.20 -24.81 -3.34
CA ILE B 89 -58.88 -23.74 -2.41
C ILE B 89 -57.75 -24.27 -1.52
N ARG B 90 -57.89 -25.52 -1.10
CA ARG B 90 -56.87 -26.16 -0.26
C ARG B 90 -55.55 -26.07 -1.00
N ASN B 91 -55.59 -26.28 -2.30
CA ASN B 91 -54.38 -26.22 -3.11
C ASN B 91 -53.81 -24.82 -3.22
N ALA B 92 -54.68 -23.82 -3.39
CA ALA B 92 -54.22 -22.45 -3.50
C ALA B 92 -53.52 -22.01 -2.22
N PHE B 93 -54.04 -22.38 -1.06
CA PHE B 93 -53.39 -22.02 0.20
C PHE B 93 -52.02 -22.68 0.30
N ALA B 94 -51.91 -23.88 -0.26
CA ALA B 94 -50.67 -24.65 -0.21
C ALA B 94 -49.54 -24.03 -1.01
N MET B 95 -49.89 -23.20 -1.98
CA MET B 95 -48.89 -22.53 -2.80
C MET B 95 -48.13 -21.46 -2.01
N PHE B 96 -48.65 -21.11 -0.83
CA PHE B 96 -48.01 -20.12 0.00
C PHE B 96 -47.46 -20.76 1.27
N ASP B 97 -47.33 -22.08 1.23
CA ASP B 97 -46.82 -22.85 2.36
C ASP B 97 -45.81 -23.89 1.86
N GLU B 98 -44.67 -23.43 1.38
CA GLU B 98 -43.62 -24.30 0.84
C GLU B 98 -43.20 -25.45 1.74
N GLN B 99 -43.09 -25.17 3.03
CA GLN B 99 -42.71 -26.18 4.01
C GLN B 99 -43.90 -27.07 4.39
N GLU B 100 -44.91 -27.05 3.52
CA GLU B 100 -46.15 -27.81 3.67
C GLU B 100 -46.54 -28.19 5.11
N THR B 101 -46.40 -27.24 6.02
CA THR B 101 -46.74 -27.46 7.42
C THR B 101 -48.26 -27.37 7.63
N LYS B 102 -49.00 -27.15 6.55
CA LYS B 102 -50.46 -27.07 6.61
C LYS B 102 -50.99 -25.78 7.22
N LYS B 103 -50.09 -24.87 7.57
CA LYS B 103 -50.54 -23.60 8.15
C LYS B 103 -49.74 -22.44 7.58
N LEU B 104 -50.30 -21.24 7.71
CA LEU B 104 -49.67 -20.01 7.25
C LEU B 104 -49.60 -19.09 8.44
N ASN B 105 -48.57 -18.24 8.51
CA ASN B 105 -48.45 -17.30 9.62
C ASN B 105 -49.57 -16.27 9.43
N ILE B 106 -50.28 -15.98 10.51
CA ILE B 106 -51.39 -15.05 10.46
C ILE B 106 -51.07 -13.72 9.77
N GLU B 107 -49.90 -13.18 10.04
CA GLU B 107 -49.47 -11.91 9.46
C GLU B 107 -49.23 -11.97 7.98
N TYR B 108 -48.84 -13.13 7.49
CA TYR B 108 -48.59 -13.30 6.08
C TYR B 108 -49.91 -13.36 5.33
N ILE B 109 -50.78 -14.29 5.72
CA ILE B 109 -52.06 -14.44 5.03
C ILE B 109 -52.95 -13.19 5.10
N LYS B 110 -52.82 -12.41 6.17
CA LYS B 110 -53.58 -11.17 6.31
C LYS B 110 -52.99 -10.14 5.35
N ASP B 111 -51.69 -10.25 5.12
CA ASP B 111 -51.01 -9.32 4.23
C ASP B 111 -51.41 -9.60 2.80
N LEU B 112 -51.38 -10.88 2.44
CA LEU B 112 -51.76 -11.31 1.10
C LEU B 112 -53.17 -10.85 0.79
N LEU B 113 -54.08 -11.06 1.74
CA LEU B 113 -55.47 -10.68 1.52
C LEU B 113 -55.74 -9.20 1.44
N GLU B 114 -55.10 -8.42 2.32
CA GLU B 114 -55.34 -6.99 2.36
C GLU B 114 -54.57 -6.09 1.40
N ASN B 115 -53.30 -6.38 1.13
CA ASN B 115 -52.54 -5.51 0.24
C ASN B 115 -52.04 -6.10 -1.07
N MET B 116 -52.70 -7.14 -1.56
CA MET B 116 -52.28 -7.75 -2.82
C MET B 116 -53.47 -8.27 -3.60
N GLY B 117 -53.29 -8.49 -4.89
CA GLY B 117 -54.37 -8.98 -5.73
C GLY B 117 -55.53 -8.01 -5.69
N ASP B 118 -56.71 -8.54 -5.39
CA ASP B 118 -57.90 -7.71 -5.31
C ASP B 118 -58.17 -7.39 -3.85
N ASN B 119 -57.38 -6.44 -3.35
CA ASN B 119 -57.41 -5.95 -1.96
C ASN B 119 -58.74 -5.98 -1.22
N PHE B 120 -58.77 -6.70 -0.09
CA PHE B 120 -59.97 -6.75 0.74
C PHE B 120 -60.02 -5.42 1.50
N ASN B 121 -61.20 -4.82 1.62
CA ASN B 121 -61.31 -3.57 2.36
C ASN B 121 -61.29 -3.91 3.86
N LYS B 122 -61.16 -2.89 4.70
CA LYS B 122 -61.11 -3.10 6.14
C LYS B 122 -62.29 -3.95 6.65
N ASP B 123 -63.45 -3.78 6.02
CA ASP B 123 -64.64 -4.51 6.43
C ASP B 123 -64.58 -6.00 6.09
N GLU B 124 -64.14 -6.33 4.88
CA GLU B 124 -64.04 -7.71 4.49
C GLU B 124 -63.02 -8.44 5.35
N MET B 125 -62.05 -7.70 5.90
CA MET B 125 -61.02 -8.30 6.75
C MET B 125 -61.61 -8.70 8.09
N ARG B 126 -62.35 -7.80 8.73
CA ARG B 126 -62.93 -8.10 10.03
C ARG B 126 -63.83 -9.32 9.97
N MET B 127 -64.73 -9.33 8.98
CA MET B 127 -65.66 -10.45 8.82
C MET B 127 -64.96 -11.76 8.46
N THR B 128 -63.93 -11.69 7.64
CA THR B 128 -63.20 -12.88 7.25
C THR B 128 -62.48 -13.51 8.44
N PHE B 129 -61.91 -12.68 9.29
CA PHE B 129 -61.15 -13.17 10.44
C PHE B 129 -61.87 -13.33 11.75
N LYS B 130 -63.04 -12.73 11.88
CA LYS B 130 -63.80 -12.84 13.11
C LYS B 130 -64.08 -14.29 13.47
N GLU B 131 -63.85 -15.22 12.54
CA GLU B 131 -64.12 -16.63 12.82
C GLU B 131 -63.19 -17.62 12.12
N ALA B 132 -62.01 -17.18 11.71
CA ALA B 132 -61.04 -18.05 11.05
C ALA B 132 -60.20 -18.81 12.07
N PRO B 133 -59.75 -20.02 11.74
CA PRO B 133 -58.93 -20.83 12.66
C PRO B 133 -57.52 -20.28 12.89
N VAL B 134 -57.26 -19.73 14.07
CA VAL B 134 -55.95 -19.16 14.39
C VAL B 134 -55.47 -19.45 15.81
N GLU B 135 -54.33 -20.14 15.92
CA GLU B 135 -53.72 -20.45 17.21
C GLU B 135 -52.20 -20.29 17.13
N GLY B 136 -51.63 -19.64 18.14
CA GLY B 136 -50.20 -19.42 18.16
C GLY B 136 -49.67 -18.76 16.89
N GLY B 137 -50.42 -17.78 16.39
CA GLY B 137 -49.98 -17.10 15.18
C GLY B 137 -50.10 -17.92 13.93
N LYS B 138 -50.65 -19.13 14.07
CA LYS B 138 -50.81 -20.02 12.94
C LYS B 138 -52.25 -19.99 12.45
N PHE B 139 -52.40 -19.88 11.13
CA PHE B 139 -53.70 -19.84 10.50
C PHE B 139 -53.92 -21.17 9.77
N ASP B 140 -54.79 -22.00 10.32
CA ASP B 140 -55.07 -23.29 9.72
C ASP B 140 -55.91 -23.06 8.48
N TYR B 141 -55.31 -23.21 7.31
CA TYR B 141 -56.07 -23.00 6.10
C TYR B 141 -56.93 -24.20 5.75
N VAL B 142 -56.52 -25.39 6.18
CA VAL B 142 -57.31 -26.58 5.88
C VAL B 142 -58.67 -26.53 6.58
N LYS B 143 -58.66 -26.34 7.90
CA LYS B 143 -59.90 -26.27 8.66
C LYS B 143 -60.75 -25.07 8.23
N PHE B 144 -60.09 -24.05 7.69
CA PHE B 144 -60.79 -22.85 7.23
C PHE B 144 -61.43 -23.14 5.89
N THR B 145 -60.78 -23.98 5.09
CA THR B 145 -61.29 -24.36 3.78
C THR B 145 -62.63 -25.06 3.99
N ALA B 146 -62.63 -26.01 4.93
CA ALA B 146 -63.83 -26.76 5.27
C ALA B 146 -64.93 -25.77 5.63
N MET B 147 -64.64 -24.93 6.62
CA MET B 147 -65.59 -23.92 7.05
C MET B 147 -66.20 -23.13 5.89
N ILE B 148 -65.37 -22.72 4.93
CA ILE B 148 -65.83 -21.94 3.79
C ILE B 148 -66.85 -22.70 2.96
N LYS B 149 -66.62 -23.99 2.80
CA LYS B 149 -67.53 -24.82 2.04
C LYS B 149 -68.73 -25.14 2.94
N GLY B 150 -69.20 -24.11 3.64
CA GLY B 150 -70.33 -24.16 4.55
C GLY B 150 -70.93 -25.47 5.04
N SER B 151 -70.16 -26.55 5.03
CA SER B 151 -70.67 -27.84 5.50
C SER B 151 -70.62 -27.84 7.02
N GLY B 152 -69.77 -26.96 7.56
CA GLY B 152 -69.61 -26.86 9.00
C GLY B 152 -68.72 -25.68 9.36
N PRO C 1 -33.81 0.18 -29.51
CA PRO C 1 -34.93 0.91 -28.88
C PRO C 1 -36.27 0.73 -29.59
N LYS C 2 -36.32 -0.24 -30.52
CA LYS C 2 -37.55 -0.52 -31.25
C LYS C 2 -38.08 -1.87 -30.79
N LEU C 3 -38.95 -1.85 -29.79
CA LEU C 3 -39.52 -3.09 -29.25
C LEU C 3 -40.29 -3.89 -30.28
N SER C 4 -39.93 -5.18 -30.39
CA SER C 4 -40.59 -6.06 -31.34
C SER C 4 -42.02 -6.32 -30.88
N GLN C 5 -42.62 -7.39 -31.41
CA GLN C 5 -43.99 -7.73 -31.05
C GLN C 5 -44.01 -8.53 -29.75
N ASP C 6 -43.24 -9.61 -29.70
CA ASP C 6 -43.19 -10.43 -28.49
C ASP C 6 -42.89 -9.52 -27.30
N GLU C 7 -41.78 -8.81 -27.37
CA GLU C 7 -41.34 -7.90 -26.33
C GLU C 7 -42.43 -6.96 -25.83
N ILE C 8 -43.09 -6.26 -26.74
CA ILE C 8 -44.13 -5.32 -26.36
C ILE C 8 -45.25 -5.96 -25.55
N ASP C 9 -45.50 -7.24 -25.79
CA ASP C 9 -46.56 -7.93 -25.07
C ASP C 9 -46.05 -8.65 -23.83
N ASP C 10 -44.81 -9.15 -23.87
CA ASP C 10 -44.24 -9.82 -22.70
C ASP C 10 -44.17 -8.80 -21.59
N LEU C 11 -43.96 -7.54 -21.99
CA LEU C 11 -43.89 -6.47 -21.03
C LEU C 11 -45.29 -6.27 -20.44
N LYS C 12 -46.32 -6.30 -21.28
CA LYS C 12 -47.68 -6.13 -20.79
C LYS C 12 -48.03 -7.26 -19.83
N ASP C 13 -47.63 -8.47 -20.19
CA ASP C 13 -47.88 -9.62 -19.34
C ASP C 13 -47.18 -9.39 -18.01
N VAL C 14 -45.85 -9.25 -18.05
CA VAL C 14 -45.06 -9.02 -16.85
C VAL C 14 -45.56 -7.80 -16.08
N PHE C 15 -46.07 -6.80 -16.79
CA PHE C 15 -46.57 -5.63 -16.08
C PHE C 15 -47.76 -5.95 -15.21
N GLU C 16 -48.76 -6.65 -15.77
CA GLU C 16 -49.96 -6.99 -15.01
C GLU C 16 -49.63 -7.83 -13.78
N LEU C 17 -48.77 -8.83 -13.98
CA LEU C 17 -48.34 -9.69 -12.88
C LEU C 17 -47.85 -8.85 -11.71
N PHE C 18 -46.93 -7.92 -11.98
CA PHE C 18 -46.44 -7.08 -10.90
C PHE C 18 -47.49 -6.11 -10.42
N ASP C 19 -48.46 -5.80 -11.28
CA ASP C 19 -49.54 -4.89 -10.91
C ASP C 19 -50.44 -5.60 -9.92
N PHE C 20 -50.65 -6.88 -10.18
CA PHE C 20 -51.48 -7.73 -9.33
C PHE C 20 -50.89 -7.88 -7.93
N TRP C 21 -49.58 -8.11 -7.87
CA TRP C 21 -48.91 -8.31 -6.59
C TRP C 21 -48.73 -7.12 -5.66
N ASP C 22 -49.25 -5.96 -6.03
CA ASP C 22 -49.17 -4.80 -5.14
C ASP C 22 -50.54 -4.13 -5.12
N GLY C 23 -51.53 -4.89 -5.59
CA GLY C 23 -52.90 -4.41 -5.63
C GLY C 23 -53.40 -4.08 -7.03
N ARG C 24 -53.93 -5.06 -7.75
CA ARG C 24 -54.45 -4.83 -9.10
C ARG C 24 -55.14 -3.48 -9.17
N ASP C 25 -54.57 -2.55 -9.93
CA ASP C 25 -55.13 -1.21 -10.08
C ASP C 25 -54.47 -0.47 -11.24
N GLY C 26 -53.97 -1.23 -12.21
CA GLY C 26 -53.32 -0.63 -13.36
C GLY C 26 -52.03 0.08 -13.05
N ALA C 27 -51.57 -0.03 -11.81
CA ALA C 27 -50.32 0.61 -11.38
C ALA C 27 -49.29 -0.39 -10.84
N VAL C 28 -48.02 0.00 -10.89
CA VAL C 28 -46.94 -0.83 -10.37
C VAL C 28 -46.06 0.14 -9.62
N ASP C 29 -45.58 -0.25 -8.45
CA ASP C 29 -44.75 0.64 -7.66
C ASP C 29 -43.39 0.83 -8.34
N ALA C 30 -42.91 2.06 -8.31
CA ALA C 30 -41.64 2.40 -8.95
C ALA C 30 -40.47 1.63 -8.36
N PHE C 31 -40.64 1.12 -7.13
CA PHE C 31 -39.56 0.37 -6.50
C PHE C 31 -39.45 -1.01 -7.10
N LYS C 32 -40.39 -1.37 -7.96
CA LYS C 32 -40.37 -2.68 -8.60
C LYS C 32 -40.03 -2.55 -10.07
N LEU C 33 -39.63 -1.36 -10.49
CA LEU C 33 -39.28 -1.16 -11.88
C LEU C 33 -38.17 -2.10 -12.30
N GLY C 34 -37.06 -2.06 -11.57
CA GLY C 34 -35.94 -2.91 -11.90
C GLY C 34 -36.36 -4.38 -11.98
N ASP C 35 -37.10 -4.82 -10.98
CA ASP C 35 -37.55 -6.20 -10.91
C ASP C 35 -38.37 -6.59 -12.14
N VAL C 36 -39.18 -5.68 -12.64
CA VAL C 36 -39.98 -5.97 -13.82
C VAL C 36 -39.11 -6.21 -15.05
N CYS C 37 -38.08 -5.41 -15.21
CA CYS C 37 -37.17 -5.54 -16.36
C CYS C 37 -36.33 -6.82 -16.25
N ARG C 38 -35.96 -7.19 -15.02
CA ARG C 38 -35.18 -8.41 -14.83
C ARG C 38 -36.03 -9.59 -15.33
N CYS C 39 -37.34 -9.50 -15.14
CA CYS C 39 -38.23 -10.55 -15.60
C CYS C 39 -38.21 -10.63 -17.11
N LEU C 40 -38.06 -9.48 -17.76
CA LEU C 40 -38.03 -9.44 -19.22
C LEU C 40 -36.74 -9.99 -19.83
N GLY C 41 -35.70 -10.12 -19.03
CA GLY C 41 -34.46 -10.66 -19.56
C GLY C 41 -33.29 -9.71 -19.49
N ILE C 42 -33.55 -8.49 -19.06
CA ILE C 42 -32.52 -7.47 -18.94
C ILE C 42 -31.88 -7.50 -17.56
N ASN C 43 -30.58 -7.23 -17.49
CA ASN C 43 -29.88 -7.23 -16.22
C ASN C 43 -29.37 -5.84 -15.92
N PRO C 44 -30.28 -4.91 -15.60
CA PRO C 44 -29.91 -3.53 -15.29
C PRO C 44 -29.28 -3.33 -13.93
N ARG C 45 -28.28 -2.46 -13.87
CA ARG C 45 -27.63 -2.15 -12.61
C ARG C 45 -28.61 -1.22 -11.88
N ASN C 46 -28.55 -1.19 -10.55
CA ASN C 46 -29.42 -0.32 -9.78
C ASN C 46 -29.24 1.16 -10.13
N GLU C 47 -28.05 1.51 -10.61
CA GLU C 47 -27.77 2.89 -10.99
C GLU C 47 -28.60 3.30 -12.20
N ASP C 48 -28.80 2.37 -13.12
CA ASP C 48 -29.61 2.65 -14.30
C ASP C 48 -31.07 2.83 -13.92
N VAL C 49 -31.62 1.86 -13.21
CA VAL C 49 -33.02 1.92 -12.81
C VAL C 49 -33.38 3.18 -12.06
N PHE C 50 -32.46 3.70 -11.24
CA PHE C 50 -32.74 4.92 -10.51
C PHE C 50 -32.77 6.06 -11.51
N ALA C 51 -31.90 5.97 -12.52
CA ALA C 51 -31.85 6.98 -13.55
C ALA C 51 -33.19 7.08 -14.26
N VAL C 52 -33.61 5.98 -14.89
CA VAL C 52 -34.88 5.95 -15.62
C VAL C 52 -36.12 6.22 -14.76
N GLY C 53 -35.92 6.64 -13.51
CA GLY C 53 -37.07 6.93 -12.66
C GLY C 53 -37.34 6.06 -11.44
N GLY C 54 -36.79 4.86 -11.41
CA GLY C 54 -36.99 3.96 -10.28
C GLY C 54 -36.76 4.58 -8.90
N THR C 55 -37.65 4.24 -7.97
CA THR C 55 -37.57 4.76 -6.61
C THR C 55 -36.78 3.87 -5.65
N HIS C 56 -36.46 4.40 -4.49
CA HIS C 56 -35.66 3.68 -3.50
C HIS C 56 -36.45 2.81 -2.52
N LYS C 57 -37.74 3.07 -2.38
CA LYS C 57 -38.54 2.27 -1.47
C LYS C 57 -40.00 2.22 -1.89
N MET C 58 -40.67 1.14 -1.49
CA MET C 58 -42.08 0.93 -1.81
C MET C 58 -42.93 2.08 -1.28
N GLY C 59 -43.92 2.49 -2.08
CA GLY C 59 -44.83 3.54 -1.66
C GLY C 59 -44.54 4.96 -2.10
N GLU C 60 -43.37 5.21 -2.67
CA GLU C 60 -43.04 6.56 -3.10
C GLU C 60 -43.77 6.99 -4.37
N LYS C 61 -43.78 6.14 -5.38
CA LYS C 61 -44.45 6.47 -6.62
C LYS C 61 -44.90 5.22 -7.39
N SER C 62 -46.07 5.30 -8.01
CA SER C 62 -46.62 4.19 -8.78
C SER C 62 -46.47 4.55 -10.26
N LEU C 63 -46.61 3.56 -11.14
CA LEU C 63 -46.46 3.82 -12.57
C LEU C 63 -47.49 3.13 -13.44
N PRO C 64 -48.19 3.89 -14.29
CA PRO C 64 -49.19 3.31 -15.19
C PRO C 64 -48.38 2.59 -16.24
N PHE C 65 -49.00 1.67 -16.98
CA PHE C 65 -48.28 0.94 -18.01
C PHE C 65 -47.67 1.89 -19.05
N GLU C 66 -48.20 3.11 -19.13
CA GLU C 66 -47.70 4.09 -20.08
C GLU C 66 -46.30 4.58 -19.72
N GLU C 67 -46.16 5.14 -18.52
CA GLU C 67 -44.89 5.68 -18.05
C GLU C 67 -43.84 4.58 -17.95
N PHE C 68 -44.31 3.34 -17.94
CA PHE C 68 -43.44 2.19 -17.84
C PHE C 68 -42.63 1.97 -19.10
N LEU C 69 -43.33 1.82 -20.24
CA LEU C 69 -42.71 1.61 -21.53
C LEU C 69 -41.44 2.41 -21.79
N PRO C 70 -41.42 3.69 -21.40
CA PRO C 70 -40.20 4.48 -21.62
C PRO C 70 -39.04 3.91 -20.81
N ALA C 71 -39.25 3.74 -19.50
CA ALA C 71 -38.22 3.20 -18.61
C ALA C 71 -37.64 1.88 -19.15
N TYR C 72 -38.51 0.97 -19.55
CA TYR C 72 -38.06 -0.31 -20.09
C TYR C 72 -37.13 -0.09 -21.29
N GLU C 73 -37.51 0.83 -22.17
CA GLU C 73 -36.70 1.10 -23.35
C GLU C 73 -35.44 1.87 -22.99
N GLY C 74 -35.43 2.44 -21.79
CA GLY C 74 -34.25 3.15 -21.33
C GLY C 74 -33.22 2.12 -20.88
N LEU C 75 -33.64 1.22 -20.01
CA LEU C 75 -32.77 0.16 -19.49
C LEU C 75 -32.41 -0.85 -20.58
N MET C 76 -33.25 -0.92 -21.60
CA MET C 76 -33.07 -1.83 -22.72
C MET C 76 -31.72 -1.68 -23.41
N ASP C 77 -31.25 -0.44 -23.53
CA ASP C 77 -29.98 -0.16 -24.22
C ASP C 77 -28.70 -0.11 -23.37
N CYS C 78 -28.82 -0.24 -22.06
CA CYS C 78 -27.63 -0.19 -21.21
C CYS C 78 -26.71 -1.36 -21.53
N GLU C 79 -25.51 -1.30 -20.97
CA GLU C 79 -24.52 -2.34 -21.20
C GLU C 79 -24.75 -3.59 -20.34
N GLN C 80 -24.63 -4.75 -20.97
CA GLN C 80 -24.77 -6.01 -20.26
C GLN C 80 -23.39 -6.68 -20.26
N GLY C 81 -23.03 -7.28 -19.13
CA GLY C 81 -21.73 -7.95 -19.04
C GLY C 81 -21.57 -8.99 -20.13
N THR C 82 -20.34 -9.36 -20.42
CA THR C 82 -20.08 -10.40 -21.39
C THR C 82 -19.17 -11.38 -20.64
N PHE C 83 -19.12 -12.63 -21.09
CA PHE C 83 -18.27 -13.60 -20.43
C PHE C 83 -16.83 -13.03 -20.26
N ALA C 84 -16.22 -12.58 -21.35
CA ALA C 84 -14.86 -12.02 -21.30
C ALA C 84 -14.68 -10.90 -20.27
N ASP C 85 -15.63 -9.97 -20.19
CA ASP C 85 -15.56 -8.90 -19.21
C ASP C 85 -15.53 -9.51 -17.81
N TYR C 86 -16.44 -10.45 -17.55
CA TYR C 86 -16.52 -11.10 -16.23
C TYR C 86 -15.27 -11.88 -15.86
N MET C 87 -14.70 -12.59 -16.83
CA MET C 87 -13.50 -13.38 -16.60
C MET C 87 -12.25 -12.55 -16.35
N GLU C 88 -12.23 -11.31 -16.86
CA GLU C 88 -11.09 -10.43 -16.65
C GLU C 88 -11.18 -9.76 -15.28
N ALA C 89 -12.41 -9.60 -14.80
CA ALA C 89 -12.61 -9.00 -13.51
C ALA C 89 -12.13 -10.00 -12.48
N PHE C 90 -12.63 -11.23 -12.59
CA PHE C 90 -12.27 -12.29 -11.66
C PHE C 90 -10.79 -12.62 -11.62
N LYS C 91 -10.14 -12.57 -12.78
CA LYS C 91 -8.71 -12.83 -12.85
C LYS C 91 -7.89 -11.87 -11.96
N THR C 92 -8.36 -10.64 -11.74
CA THR C 92 -7.61 -9.71 -10.88
C THR C 92 -7.71 -10.11 -9.41
N PHE C 93 -8.57 -11.06 -9.09
CA PHE C 93 -8.71 -11.50 -7.70
C PHE C 93 -8.08 -12.85 -7.47
N ASP C 94 -7.58 -13.46 -8.53
CA ASP C 94 -6.95 -14.78 -8.45
C ASP C 94 -5.44 -14.71 -8.66
N ARG C 95 -4.68 -15.00 -7.60
CA ARG C 95 -3.23 -14.96 -7.68
C ARG C 95 -2.65 -16.16 -8.40
N GLU C 96 -2.82 -17.34 -7.81
CA GLU C 96 -2.30 -18.58 -8.38
C GLU C 96 -2.51 -18.70 -9.90
N GLY C 97 -3.50 -18.00 -10.43
CA GLY C 97 -3.78 -18.03 -11.86
C GLY C 97 -4.29 -19.36 -12.41
N GLN C 98 -4.84 -20.19 -11.54
CA GLN C 98 -5.35 -21.48 -11.99
C GLN C 98 -6.85 -21.44 -12.25
N GLY C 99 -7.48 -20.32 -11.88
CA GLY C 99 -8.91 -20.18 -12.08
C GLY C 99 -9.65 -20.41 -10.77
N PHE C 100 -8.94 -20.28 -9.66
CA PHE C 100 -9.51 -20.47 -8.33
C PHE C 100 -9.55 -19.20 -7.51
N ILE C 101 -10.62 -19.05 -6.75
CA ILE C 101 -10.77 -17.91 -5.87
C ILE C 101 -11.40 -18.43 -4.58
N SER C 102 -10.90 -17.96 -3.45
CA SER C 102 -11.41 -18.37 -2.15
C SER C 102 -12.92 -18.21 -2.17
N GLY C 103 -13.60 -18.95 -1.29
CA GLY C 103 -15.03 -18.86 -1.22
C GLY C 103 -15.33 -17.62 -0.42
N ALA C 104 -14.39 -17.23 0.44
CA ALA C 104 -14.55 -16.03 1.25
C ALA C 104 -14.41 -14.83 0.33
N GLU C 105 -13.42 -14.89 -0.57
CA GLU C 105 -13.18 -13.81 -1.54
C GLU C 105 -14.41 -13.63 -2.40
N LEU C 106 -14.97 -14.72 -2.89
CA LEU C 106 -16.13 -14.62 -3.75
C LEU C 106 -17.23 -13.86 -3.04
N ARG C 107 -17.43 -14.17 -1.76
CA ARG C 107 -18.46 -13.49 -1.00
C ARG C 107 -18.06 -12.02 -0.75
N HIS C 108 -16.76 -11.79 -0.72
CA HIS C 108 -16.22 -10.44 -0.51
C HIS C 108 -16.56 -9.60 -1.73
N VAL C 109 -16.07 -10.04 -2.87
CA VAL C 109 -16.29 -9.37 -4.14
C VAL C 109 -17.76 -9.08 -4.40
N LEU C 110 -18.61 -10.07 -4.19
CA LEU C 110 -20.03 -9.91 -4.42
C LEU C 110 -20.76 -9.03 -3.42
N THR C 111 -20.26 -8.91 -2.19
CA THR C 111 -20.98 -8.13 -1.19
C THR C 111 -20.30 -6.90 -0.65
N ALA C 112 -19.05 -6.69 -1.03
CA ALA C 112 -18.29 -5.55 -0.57
C ALA C 112 -18.06 -4.54 -1.69
N LEU C 113 -17.66 -5.01 -2.87
CA LEU C 113 -17.41 -4.14 -4.03
C LEU C 113 -18.65 -3.90 -4.87
N GLY C 114 -18.49 -3.20 -6.00
CA GLY C 114 -19.60 -2.89 -6.89
C GLY C 114 -20.81 -2.37 -6.14
N GLU C 115 -22.02 -2.68 -6.62
CA GLU C 115 -23.25 -2.27 -5.95
C GLU C 115 -23.67 -3.45 -5.07
N ARG C 116 -22.93 -3.61 -3.98
CA ARG C 116 -23.10 -4.68 -3.00
C ARG C 116 -24.39 -5.51 -2.89
N LEU C 117 -24.27 -6.81 -3.14
CA LEU C 117 -25.40 -7.73 -2.99
C LEU C 117 -25.46 -8.08 -1.49
N SER C 118 -26.66 -8.27 -0.95
CA SER C 118 -26.80 -8.62 0.47
C SER C 118 -26.32 -10.05 0.71
N ASP C 119 -26.00 -10.37 1.97
CA ASP C 119 -25.54 -11.72 2.25
C ASP C 119 -26.63 -12.73 1.91
N GLU C 120 -27.89 -12.35 2.14
CA GLU C 120 -29.01 -13.25 1.84
C GLU C 120 -29.02 -13.64 0.34
N ASP C 121 -28.79 -12.67 -0.55
CA ASP C 121 -28.76 -12.96 -1.99
C ASP C 121 -27.58 -13.82 -2.40
N VAL C 122 -26.43 -13.58 -1.77
CA VAL C 122 -25.24 -14.35 -2.09
C VAL C 122 -25.42 -15.80 -1.72
N ASP C 123 -26.07 -16.06 -0.59
CA ASP C 123 -26.32 -17.42 -0.14
C ASP C 123 -27.26 -18.09 -1.14
N GLU C 124 -28.32 -17.37 -1.50
CA GLU C 124 -29.30 -17.90 -2.42
C GLU C 124 -28.78 -18.15 -3.81
N ILE C 125 -27.88 -17.31 -4.30
CA ILE C 125 -27.38 -17.55 -5.63
C ILE C 125 -26.44 -18.74 -5.59
N ILE C 126 -25.85 -18.99 -4.42
CA ILE C 126 -24.94 -20.12 -4.27
C ILE C 126 -25.68 -21.45 -4.14
N LYS C 127 -26.85 -21.43 -3.51
CA LYS C 127 -27.60 -22.66 -3.38
C LYS C 127 -28.21 -23.01 -4.74
N LEU C 128 -28.78 -22.00 -5.40
CA LEU C 128 -29.40 -22.23 -6.70
C LEU C 128 -28.43 -22.72 -7.75
N THR C 129 -27.28 -22.05 -7.89
CA THR C 129 -26.30 -22.44 -8.89
C THR C 129 -25.57 -23.71 -8.47
N ASP C 130 -25.78 -24.14 -7.23
CA ASP C 130 -25.17 -25.35 -6.70
C ASP C 130 -23.65 -25.20 -6.68
N LEU C 131 -23.18 -24.03 -6.26
CA LEU C 131 -21.76 -23.80 -6.21
C LEU C 131 -21.12 -24.67 -5.13
N GLN C 132 -20.19 -25.52 -5.56
CA GLN C 132 -19.50 -26.41 -4.63
C GLN C 132 -18.06 -25.96 -4.44
N GLU C 133 -17.65 -25.69 -3.21
CA GLU C 133 -16.27 -25.31 -3.00
C GLU C 133 -15.60 -26.60 -2.56
N ASP C 134 -14.31 -26.75 -2.84
CA ASP C 134 -13.61 -27.97 -2.48
C ASP C 134 -13.00 -27.90 -1.08
N LEU C 135 -12.28 -28.96 -0.71
CA LEU C 135 -11.65 -29.07 0.61
C LEU C 135 -10.84 -27.86 1.04
N GLU C 136 -10.01 -27.35 0.15
CA GLU C 136 -9.20 -26.18 0.46
C GLU C 136 -10.09 -24.95 0.57
N GLY C 137 -11.37 -25.11 0.19
CA GLY C 137 -12.33 -24.02 0.28
C GLY C 137 -12.34 -23.04 -0.90
N ASN C 138 -11.89 -23.49 -2.05
CA ASN C 138 -11.82 -22.67 -3.25
C ASN C 138 -12.93 -22.97 -4.23
N VAL C 139 -13.15 -22.05 -5.16
CA VAL C 139 -14.17 -22.24 -6.18
C VAL C 139 -13.61 -21.83 -7.53
N LYS C 140 -14.06 -22.51 -8.58
CA LYS C 140 -13.64 -22.24 -9.94
C LYS C 140 -14.64 -21.18 -10.44
N TYR C 141 -14.26 -19.90 -10.34
CA TYR C 141 -15.16 -18.82 -10.77
C TYR C 141 -15.66 -18.90 -12.20
N GLU C 142 -14.90 -19.52 -13.09
CA GLU C 142 -15.34 -19.65 -14.47
C GLU C 142 -16.64 -20.44 -14.49
N ASP C 143 -16.68 -21.51 -13.71
CA ASP C 143 -17.87 -22.35 -13.63
C ASP C 143 -19.02 -21.56 -13.03
N PHE C 144 -18.73 -20.79 -11.99
CA PHE C 144 -19.76 -19.98 -11.36
C PHE C 144 -20.28 -18.91 -12.32
N VAL C 145 -19.37 -18.26 -13.06
CA VAL C 145 -19.75 -17.24 -14.02
C VAL C 145 -20.70 -17.81 -15.07
N LYS C 146 -20.34 -18.96 -15.63
CA LYS C 146 -21.16 -19.61 -16.66
C LYS C 146 -22.56 -19.94 -16.17
N LYS C 147 -22.66 -20.47 -14.94
CA LYS C 147 -23.97 -20.81 -14.39
C LYS C 147 -24.82 -19.56 -14.30
N VAL C 148 -24.31 -18.51 -13.66
CA VAL C 148 -25.07 -17.28 -13.52
C VAL C 148 -25.56 -16.79 -14.87
N MET C 149 -24.71 -16.83 -15.89
CA MET C 149 -25.08 -16.38 -17.22
C MET C 149 -26.11 -17.30 -17.91
N ALA C 150 -26.11 -18.58 -17.54
CA ALA C 150 -27.03 -19.54 -18.14
C ALA C 150 -28.49 -19.39 -17.73
N GLY C 151 -28.74 -18.74 -16.59
CA GLY C 151 -30.10 -18.53 -16.13
C GLY C 151 -30.58 -19.65 -15.24
N PRO C 152 -31.67 -19.45 -14.49
CA PRO C 152 -32.24 -20.44 -13.58
C PRO C 152 -32.64 -21.77 -14.24
N TYR C 153 -32.98 -21.71 -15.52
CA TYR C 153 -33.39 -22.93 -16.21
C TYR C 153 -32.49 -23.26 -17.40
N PRO C 154 -31.32 -23.87 -17.11
CA PRO C 154 -30.31 -24.27 -18.08
C PRO C 154 -30.75 -25.43 -18.97
N ASP C 155 -30.08 -26.58 -18.80
CA ASP C 155 -30.33 -27.82 -19.55
C ASP C 155 -29.03 -28.55 -19.85
MG MG D . 24.28 5.81 7.54
V VO4 E . 25.99 9.38 8.06
O1 VO4 E . 25.75 7.65 8.27
O2 VO4 E . 26.50 10.38 9.20
O3 VO4 E . 25.91 9.84 6.44
O4 VO4 E . 27.89 9.02 7.89
PB ADP F . 22.79 8.69 7.87
O1B ADP F . 22.46 7.29 8.05
O2B ADP F . 21.96 9.42 6.77
O3B ADP F . 23.81 9.41 8.61
PA ADP F . 20.53 8.40 10.02
O1A ADP F . 19.75 7.47 9.23
O2A ADP F . 21.35 7.58 10.97
O3A ADP F . 21.72 9.19 9.15
O5' ADP F . 19.88 9.17 11.20
C5' ADP F . 20.38 10.42 11.57
C4' ADP F . 19.64 10.56 12.98
O4' ADP F . 18.43 11.28 12.90
C3' ADP F . 19.20 9.16 13.67
O3' ADP F . 20.16 8.60 14.60
C2' ADP F . 17.86 9.42 14.32
O2' ADP F . 17.90 9.69 15.74
C1' ADP F . 17.31 10.53 13.46
N9 ADP F . 16.42 10.02 12.34
C8 ADP F . 16.71 10.00 11.02
N7 ADP F . 15.70 9.48 10.35
C5 ADP F . 14.75 9.17 11.20
C6 ADP F . 13.48 8.60 11.11
N6 ADP F . 12.97 8.27 9.93
N1 ADP F . 12.72 8.41 12.26
C2 ADP F . 13.19 8.73 13.49
N3 ADP F . 14.43 9.28 13.58
C4 ADP F . 15.22 9.50 12.48
MG MG G . -97.10 -14.19 -0.69
CA CA H . -50.90 -2.13 -8.21
#